data_6YI1
#
_entry.id   6YI1
#
_cell.length_a   120.380
_cell.length_b   120.380
_cell.length_c   331.910
_cell.angle_alpha   90.000
_cell.angle_beta   90.000
_cell.angle_gamma   120.000
#
_symmetry.space_group_name_H-M   'H 3 2'
#
loop_
_entity.id
_entity.type
_entity.pdbx_description
1 polymer 'Glutaminyl-peptide cyclotransferase'
2 polymer Glu(gamma-hydrazide)-Phe-Ala
3 non-polymer 'SULFATE ION'
4 non-polymer 'ZINC ION'
5 non-polymer GLYCEROL
6 non-polymer '1,4-DIETHYLENE DIOXIDE'
7 non-polymer 'TETRAETHYLENE GLYCOL'
8 non-polymer DI(HYDROXYETHYL)ETHER
9 non-polymer 'TRIETHYLENE GLYCOL'
10 non-polymer '2-(N-MORPHOLINO)-ETHANESULFONIC ACID'
11 water water
#
loop_
_entity_poly.entity_id
_entity_poly.type
_entity_poly.pdbx_seq_one_letter_code
_entity_poly.pdbx_strand_id
1 'polypeptide(L)'
;GPAWPEEKNYHQPAILNSSALRQIAEGTSISEMWQNDLQPLLIERYPGSPGSYAARQHIMQRIQRLQADWVLEIDTFLSQ
TPYGYRSFSNIISTLNPTAKRHLVLACHYDSKYFSHWNNRVFVGATDSAVPCAMMLELARALDKKLLSLKTVSDSKPDLS
LQLIFFDGEEAFLHWSPQDSLYGSRHLAAKMASTPHPPGARGTSQLHGMDLLVLLDLIGAPNPTFPNFFPNSARWFERLQ
AIEHELHELGLLKDHSLEGRYFQNYSYGGVIQDDHIPFLRRGVPVLHLIPSPFPEVWHTMDDNEENLDESTIDNLNKILQ
VFVLEYLHL
;
A,B
2 'polypeptide(L)' (ORT)FA(NH2) C,D,E
#
# COMPACT_ATOMS: atom_id res chain seq x y z
N GLY A 1 6.92 25.72 -0.66
CA GLY A 1 7.67 25.54 -1.89
C GLY A 1 8.31 24.17 -1.95
N PRO A 2 9.03 23.84 -3.03
CA PRO A 2 9.71 22.53 -3.08
C PRO A 2 10.84 22.41 -2.07
N ALA A 3 11.17 23.51 -1.38
CA ALA A 3 12.03 23.49 -0.22
C ALA A 3 11.27 23.18 1.06
N TRP A 4 9.95 22.94 0.99
CA TRP A 4 9.22 22.62 2.21
C TRP A 4 9.78 21.40 2.94
N PRO A 5 10.35 20.38 2.27
CA PRO A 5 11.00 19.30 3.05
C PRO A 5 12.23 19.76 3.82
N GLU A 6 12.77 20.95 3.52
CA GLU A 6 13.89 21.48 4.30
C GLU A 6 13.45 22.33 5.50
N GLU A 7 12.16 22.67 5.60
CA GLU A 7 11.71 23.53 6.70
C GLU A 7 12.01 22.92 8.06
N LYS A 8 11.98 21.59 8.18
CA LYS A 8 12.34 20.96 9.46
C LYS A 8 13.73 21.37 9.93
N ASN A 9 14.65 21.65 8.98
CA ASN A 9 16.02 22.00 9.37
C ASN A 9 16.10 23.38 9.99
N TYR A 10 15.11 24.24 9.78
CA TYR A 10 15.11 25.61 10.28
C TYR A 10 14.11 25.79 11.41
N HIS A 11 13.26 24.80 11.64
CA HIS A 11 12.16 24.92 12.58
C HIS A 11 12.66 25.15 14.00
N GLN A 12 12.05 26.12 14.68
CA GLN A 12 12.34 26.44 16.06
C GLN A 12 11.09 26.28 16.91
N PRO A 13 11.25 25.94 18.19
CA PRO A 13 10.09 25.84 19.07
C PRO A 13 9.60 27.21 19.49
N ALA A 14 8.35 27.26 19.93
CA ALA A 14 7.83 28.44 20.61
C ALA A 14 7.79 28.11 22.09
N ILE A 15 8.76 28.65 22.84
CA ILE A 15 9.00 28.26 24.24
C ILE A 15 7.84 28.68 25.15
N LEU A 16 7.45 27.81 26.08
CA LEU A 16 6.40 28.16 27.06
C LEU A 16 7.00 28.86 28.27
N ASN A 17 6.26 29.81 28.82
CA ASN A 17 6.71 30.48 30.04
C ASN A 17 6.29 29.68 31.28
N SER A 18 6.66 30.21 32.46
CA SER A 18 6.44 29.49 33.71
C SER A 18 4.96 29.21 33.94
N SER A 19 4.10 30.21 33.72
N SER A 19 4.10 30.21 33.74
CA SER A 19 2.67 30.01 33.94
CA SER A 19 2.67 30.01 33.93
C SER A 19 2.10 28.93 33.03
C SER A 19 2.16 28.88 33.05
N ALA A 20 2.56 28.89 31.77
CA ALA A 20 2.10 27.87 30.85
C ALA A 20 2.62 26.50 31.26
N LEU A 21 3.89 26.43 31.70
CA LEU A 21 4.46 25.16 32.16
C LEU A 21 3.65 24.59 33.33
N ARG A 22 3.29 25.43 34.31
CA ARG A 22 2.43 24.98 35.40
C ARG A 22 1.09 24.48 34.91
N GLN A 23 0.50 25.18 33.93
N GLN A 23 0.51 25.16 33.91
CA GLN A 23 -0.79 24.78 33.37
CA GLN A 23 -0.80 24.73 33.41
C GLN A 23 -0.70 23.39 32.73
C GLN A 23 -0.72 23.39 32.71
N ILE A 24 0.37 23.13 31.98
CA ILE A 24 0.55 21.83 31.36
C ILE A 24 0.77 20.75 32.42
N ALA A 25 1.60 21.03 33.41
CA ALA A 25 1.84 20.07 34.48
C ALA A 25 0.54 19.71 35.20
N GLU A 26 -0.30 20.72 35.47
CA GLU A 26 -1.57 20.47 36.15
C GLU A 26 -2.59 19.80 35.24
N GLY A 27 -2.43 19.90 33.93
CA GLY A 27 -3.45 19.40 33.01
C GLY A 27 -3.35 17.93 32.69
N THR A 28 -2.28 17.26 33.10
CA THR A 28 -2.15 15.82 32.89
C THR A 28 -2.41 15.10 34.20
N SER A 29 -2.97 13.90 34.10
CA SER A 29 -3.36 13.13 35.29
C SER A 29 -2.84 11.71 35.18
N ILE A 30 -1.85 11.37 36.02
CA ILE A 30 -1.25 10.04 35.96
C ILE A 30 -2.27 8.99 36.42
N SER A 31 -3.13 9.30 37.38
CA SER A 31 -4.08 8.30 37.85
C SER A 31 -5.16 8.04 36.80
N GLU A 32 -5.61 9.07 36.09
N GLU A 32 -5.61 9.08 36.10
CA GLU A 32 -6.58 8.87 35.02
CA GLU A 32 -6.57 8.89 35.01
C GLU A 32 -5.96 8.10 33.85
C GLU A 32 -5.95 8.08 33.89
N MET A 33 -4.73 8.43 33.48
CA MET A 33 -4.04 7.62 32.48
C MET A 33 -3.95 6.16 32.93
N TRP A 34 -3.58 5.95 34.19
CA TRP A 34 -3.42 4.59 34.71
C TRP A 34 -4.68 3.78 34.53
N GLN A 35 -5.80 4.29 35.02
CA GLN A 35 -7.05 3.54 35.00
C GLN A 35 -7.65 3.43 33.59
N ASN A 36 -7.58 4.51 32.80
CA ASN A 36 -8.40 4.61 31.59
C ASN A 36 -7.66 4.26 30.32
N ASP A 37 -6.36 4.50 30.27
CA ASP A 37 -5.54 4.22 29.10
C ASP A 37 -4.59 3.06 29.29
N LEU A 38 -3.98 2.91 30.49
CA LEU A 38 -2.92 1.92 30.68
C LEU A 38 -3.48 0.54 31.03
N GLN A 39 -4.35 0.45 32.04
CA GLN A 39 -4.76 -0.88 32.51
C GLN A 39 -5.47 -1.72 31.45
N PRO A 40 -6.34 -1.18 30.59
CA PRO A 40 -6.90 -2.03 29.52
C PRO A 40 -5.85 -2.60 28.58
N LEU A 41 -4.64 -2.03 28.54
CA LEU A 41 -3.60 -2.55 27.65
C LEU A 41 -2.71 -3.60 28.31
N LEU A 42 -2.86 -3.83 29.62
CA LEU A 42 -1.96 -4.73 30.32
C LEU A 42 -2.48 -6.16 30.20
N ILE A 43 -2.46 -6.64 28.95
CA ILE A 43 -3.01 -7.93 28.55
C ILE A 43 -2.07 -8.52 27.51
N GLU A 44 -2.13 -9.85 27.39
CA GLU A 44 -1.42 -10.52 26.31
C GLU A 44 -1.95 -10.04 24.95
N ARG A 45 -1.05 -9.56 24.08
CA ARG A 45 -1.48 -8.91 22.86
C ARG A 45 -0.43 -9.09 21.75
N TYR A 46 0.08 -10.31 21.57
CA TYR A 46 1.00 -10.55 20.46
C TYR A 46 0.21 -10.50 19.14
N PRO A 47 0.90 -10.33 18.01
CA PRO A 47 0.17 -10.06 16.76
C PRO A 47 -0.74 -11.22 16.39
N GLY A 48 -1.96 -10.88 15.99
CA GLY A 48 -2.97 -11.86 15.63
C GLY A 48 -3.76 -12.44 16.79
N SER A 49 -3.39 -12.14 18.04
CA SER A 49 -4.09 -12.69 19.20
C SER A 49 -5.41 -11.95 19.43
N PRO A 50 -6.32 -12.53 20.22
CA PRO A 50 -7.50 -11.75 20.64
C PRO A 50 -7.12 -10.47 21.37
N GLY A 51 -6.05 -10.50 22.16
CA GLY A 51 -5.66 -9.29 22.88
C GLY A 51 -5.17 -8.20 21.95
N SER A 52 -4.52 -8.56 20.84
CA SER A 52 -4.14 -7.57 19.84
C SER A 52 -5.37 -6.83 19.32
N TYR A 53 -6.42 -7.56 19.00
CA TYR A 53 -7.66 -6.91 18.56
C TYR A 53 -8.24 -6.01 19.67
N ALA A 54 -8.30 -6.51 20.91
CA ALA A 54 -8.83 -5.70 22.01
C ALA A 54 -7.96 -4.45 22.23
N ALA A 55 -6.64 -4.58 22.12
CA ALA A 55 -5.77 -3.42 22.30
C ALA A 55 -6.00 -2.37 21.21
N ARG A 56 -6.07 -2.83 19.96
CA ARG A 56 -6.33 -1.93 18.85
C ARG A 56 -7.68 -1.20 19.04
N GLN A 57 -8.74 -1.94 19.40
CA GLN A 57 -10.04 -1.32 19.65
C GLN A 57 -9.96 -0.29 20.77
N HIS A 58 -9.25 -0.61 21.85
CA HIS A 58 -9.10 0.34 22.94
C HIS A 58 -8.42 1.63 22.49
N ILE A 59 -7.29 1.48 21.77
CA ILE A 59 -6.56 2.66 21.30
C ILE A 59 -7.43 3.52 20.40
N MET A 60 -8.15 2.89 19.47
CA MET A 60 -9.00 3.67 18.58
C MET A 60 -10.14 4.34 19.32
N GLN A 61 -10.77 3.64 20.27
N GLN A 61 -10.76 3.64 20.27
CA GLN A 61 -11.89 4.24 20.99
CA GLN A 61 -11.88 4.21 21.01
C GLN A 61 -11.44 5.42 21.84
C GLN A 61 -11.44 5.40 21.85
N ARG A 62 -10.24 5.32 22.44
CA ARG A 62 -9.76 6.41 23.28
C ARG A 62 -9.40 7.63 22.44
N ILE A 63 -8.91 7.43 21.22
CA ILE A 63 -8.69 8.56 20.33
C ILE A 63 -10.01 9.10 19.79
N GLN A 64 -10.95 8.21 19.48
CA GLN A 64 -12.18 8.63 18.81
C GLN A 64 -13.06 9.49 19.70
N ARG A 65 -12.97 9.32 21.03
CA ARG A 65 -13.79 10.13 21.90
C ARG A 65 -13.29 11.55 22.04
N LEU A 66 -12.09 11.85 21.56
CA LEU A 66 -11.52 13.18 21.76
C LEU A 66 -12.14 14.19 20.79
N GLN A 67 -12.04 15.48 21.14
CA GLN A 67 -12.62 16.54 20.32
C GLN A 67 -11.78 16.86 19.10
N ALA A 68 -10.46 16.76 19.19
CA ALA A 68 -9.60 17.03 18.04
C ALA A 68 -9.93 16.09 16.88
N ASP A 69 -9.63 16.55 15.68
CA ASP A 69 -10.09 15.93 14.43
C ASP A 69 -9.15 14.81 13.99
N TRP A 70 -8.95 13.82 14.87
CA TRP A 70 -8.05 12.72 14.54
C TRP A 70 -8.62 11.85 13.43
N VAL A 71 -7.78 11.51 12.45
CA VAL A 71 -8.15 10.60 11.38
C VAL A 71 -7.42 9.29 11.64
N LEU A 72 -8.19 8.23 11.88
CA LEU A 72 -7.64 6.93 12.24
C LEU A 72 -7.55 6.04 11.01
N GLU A 73 -6.39 5.41 10.81
CA GLU A 73 -6.21 4.48 9.70
C GLU A 73 -5.58 3.20 10.22
N ILE A 74 -6.09 2.05 9.77
CA ILE A 74 -5.53 0.75 10.15
C ILE A 74 -4.75 0.24 8.95
N ASP A 75 -3.44 0.01 9.11
CA ASP A 75 -2.56 -0.45 8.04
C ASP A 75 -2.31 -1.95 8.22
N THR A 76 -3.09 -2.78 7.52
CA THR A 76 -3.07 -4.23 7.71
C THR A 76 -2.32 -4.90 6.56
N PHE A 77 -1.43 -5.82 6.89
CA PHE A 77 -0.59 -6.43 5.86
C PHE A 77 -0.21 -7.83 6.30
N LEU A 78 0.29 -8.59 5.34
CA LEU A 78 0.70 -9.97 5.52
C LEU A 78 2.22 -10.02 5.47
N SER A 79 2.82 -10.83 6.34
CA SER A 79 4.25 -11.04 6.28
C SER A 79 4.56 -12.50 6.62
N GLN A 80 5.67 -12.98 6.08
CA GLN A 80 6.22 -14.26 6.50
C GLN A 80 6.82 -14.12 7.91
N THR A 81 6.66 -15.16 8.73
CA THR A 81 7.19 -15.21 10.09
C THR A 81 7.71 -16.61 10.35
N PRO A 82 8.43 -16.87 11.45
CA PRO A 82 8.83 -18.25 11.79
C PRO A 82 7.65 -19.19 11.97
N TYR A 83 6.44 -18.66 12.18
CA TYR A 83 5.24 -19.48 12.28
C TYR A 83 4.39 -19.41 11.02
N GLY A 84 4.97 -18.98 9.91
CA GLY A 84 4.25 -18.92 8.65
C GLY A 84 3.64 -17.55 8.40
N TYR A 85 2.86 -17.45 7.31
CA TYR A 85 2.30 -16.16 6.96
C TYR A 85 1.34 -15.70 8.04
N ARG A 86 1.41 -14.43 8.44
CA ARG A 86 0.52 -13.86 9.44
C ARG A 86 0.12 -12.45 9.05
N SER A 87 -1.04 -12.03 9.55
CA SER A 87 -1.54 -10.67 9.35
C SER A 87 -1.12 -9.76 10.53
N PHE A 88 -0.74 -8.52 10.21
CA PHE A 88 -0.38 -7.49 11.18
C PHE A 88 -1.17 -6.22 10.87
N SER A 89 -1.38 -5.37 11.90
CA SER A 89 -2.17 -4.13 11.71
C SER A 89 -1.51 -2.96 12.46
N ASN A 90 -0.82 -2.08 11.73
CA ASN A 90 -0.37 -0.82 12.34
C ASN A 90 -1.57 0.10 12.54
N ILE A 91 -1.52 0.93 13.59
CA ILE A 91 -2.52 1.95 13.86
C ILE A 91 -1.90 3.32 13.64
N ILE A 92 -2.53 4.15 12.81
CA ILE A 92 -2.05 5.51 12.55
C ILE A 92 -3.18 6.48 12.86
N SER A 93 -2.86 7.54 13.59
CA SER A 93 -3.82 8.55 14.03
C SER A 93 -3.24 9.89 13.66
N THR A 94 -3.87 10.60 12.72
CA THR A 94 -3.28 11.81 12.17
C THR A 94 -4.22 12.99 12.34
N LEU A 95 -3.68 14.11 12.83
CA LEU A 95 -4.34 15.40 12.65
C LEU A 95 -3.86 16.04 11.35
N ASN A 96 -4.81 16.56 10.58
CA ASN A 96 -4.56 17.27 9.32
C ASN A 96 -3.79 16.35 8.37
N PRO A 97 -4.44 15.29 7.87
CA PRO A 97 -3.72 14.36 6.97
C PRO A 97 -3.06 15.02 5.77
N THR A 98 -3.60 16.13 5.24
CA THR A 98 -2.98 16.73 4.07
C THR A 98 -1.95 17.80 4.40
N ALA A 99 -1.70 18.11 5.68
CA ALA A 99 -0.64 19.07 5.97
C ALA A 99 0.69 18.47 5.53
N LYS A 100 1.56 19.30 4.96
CA LYS A 100 2.81 18.76 4.41
C LYS A 100 3.67 18.09 5.49
N ARG A 101 3.78 18.69 6.67
CA ARG A 101 4.71 18.23 7.68
C ARG A 101 3.97 17.75 8.91
N HIS A 102 4.49 16.71 9.57
CA HIS A 102 3.98 16.25 10.85
C HIS A 102 5.12 15.95 11.79
N LEU A 103 4.95 16.32 13.05
CA LEU A 103 5.73 15.74 14.14
C LEU A 103 5.10 14.39 14.47
N VAL A 104 5.91 13.34 14.60
CA VAL A 104 5.36 11.98 14.73
C VAL A 104 5.83 11.39 16.05
N LEU A 105 4.89 10.95 16.88
CA LEU A 105 5.20 10.20 18.09
C LEU A 105 4.81 8.75 17.84
N ALA A 106 5.62 7.81 18.34
CA ALA A 106 5.32 6.42 18.01
C ALA A 106 5.76 5.48 19.13
N CYS A 107 5.14 4.30 19.14
CA CYS A 107 5.58 3.19 19.97
C CYS A 107 5.04 1.93 19.31
N HIS A 108 5.29 0.77 19.92
CA HIS A 108 4.68 -0.46 19.40
C HIS A 108 3.63 -0.94 20.39
N TYR A 109 2.50 -1.47 19.87
CA TYR A 109 1.43 -1.89 20.76
C TYR A 109 1.33 -3.40 20.90
N ASP A 110 2.08 -4.18 20.12
CA ASP A 110 2.09 -5.63 20.35
C ASP A 110 2.89 -5.93 21.62
N SER A 111 2.65 -7.11 22.18
CA SER A 111 3.51 -7.63 23.24
C SER A 111 4.21 -8.88 22.73
N LYS A 112 5.44 -9.08 23.20
CA LYS A 112 6.25 -10.20 22.73
C LYS A 112 5.58 -11.53 23.04
N TYR A 113 5.56 -12.43 22.05
CA TYR A 113 4.97 -13.75 22.24
C TYR A 113 5.85 -14.64 23.13
N PHE A 114 5.28 -15.17 24.20
CA PHE A 114 5.93 -16.18 25.03
C PHE A 114 4.94 -17.28 25.39
N SER A 115 5.45 -18.50 25.65
CA SER A 115 4.64 -19.47 26.38
C SER A 115 4.29 -18.94 27.76
N HIS A 116 3.18 -19.44 28.32
CA HIS A 116 2.81 -19.10 29.69
C HIS A 116 3.61 -19.98 30.65
N TRP A 117 4.04 -19.40 31.77
CA TRP A 117 4.73 -20.17 32.80
C TRP A 117 3.99 -19.99 34.12
N ASN A 118 3.47 -21.10 34.65
CA ASN A 118 2.82 -21.15 35.95
C ASN A 118 1.88 -19.97 36.12
N ASN A 119 0.88 -19.93 35.25
CA ASN A 119 -0.20 -18.94 35.24
C ASN A 119 0.30 -17.52 35.00
N ARG A 120 1.55 -17.35 34.55
CA ARG A 120 2.05 -16.03 34.24
C ARG A 120 2.10 -15.81 32.73
N VAL A 121 1.77 -14.57 32.33
CA VAL A 121 1.64 -14.14 30.96
C VAL A 121 2.45 -12.87 30.81
N PHE A 122 3.15 -12.73 29.69
CA PHE A 122 3.93 -11.52 29.45
C PHE A 122 3.04 -10.39 28.93
N VAL A 123 2.96 -9.29 29.67
CA VAL A 123 2.12 -8.16 29.26
C VAL A 123 2.92 -6.93 28.87
N GLY A 124 4.25 -6.95 29.00
CA GLY A 124 5.08 -5.88 28.49
C GLY A 124 4.65 -4.51 28.99
N ALA A 125 4.68 -4.35 30.31
CA ALA A 125 4.20 -3.09 30.92
C ALA A 125 5.03 -1.89 30.43
N THR A 126 6.36 -1.95 30.59
CA THR A 126 7.22 -0.93 29.98
C THR A 126 7.30 -1.07 28.47
N ASP A 127 6.92 -2.21 27.93
CA ASP A 127 7.35 -2.66 26.61
C ASP A 127 6.15 -3.22 25.81
N SER A 128 5.26 -2.34 25.33
CA SER A 128 5.30 -0.88 25.52
C SER A 128 3.90 -0.35 25.86
N ALA A 129 3.24 -1.03 26.80
CA ALA A 129 1.93 -0.56 27.23
C ALA A 129 2.00 0.86 27.78
N VAL A 130 3.04 1.15 28.58
CA VAL A 130 3.18 2.49 29.14
C VAL A 130 3.39 3.53 28.04
N PRO A 131 4.34 3.36 27.09
CA PRO A 131 4.38 4.28 25.95
C PRO A 131 3.05 4.45 25.22
N CYS A 132 2.29 3.36 24.97
CA CYS A 132 0.96 3.54 24.38
C CYS A 132 0.12 4.47 25.23
N ALA A 133 0.05 4.20 26.54
CA ALA A 133 -0.80 5.02 27.40
C ALA A 133 -0.31 6.45 27.48
N MET A 134 1.02 6.67 27.43
CA MET A 134 1.54 8.04 27.42
C MET A 134 1.09 8.80 26.19
N MET A 135 1.07 8.12 25.04
CA MET A 135 0.59 8.77 23.83
C MET A 135 -0.89 9.08 23.93
N LEU A 136 -1.70 8.17 24.48
CA LEU A 136 -3.13 8.45 24.60
C LEU A 136 -3.38 9.57 25.60
N GLU A 137 -2.64 9.59 26.71
CA GLU A 137 -2.80 10.67 27.69
C GLU A 137 -2.38 12.01 27.11
N LEU A 138 -1.32 12.04 26.29
CA LEU A 138 -0.95 13.30 25.64
C LEU A 138 -2.09 13.80 24.74
N ALA A 139 -2.67 12.92 23.94
CA ALA A 139 -3.80 13.33 23.11
C ALA A 139 -4.95 13.85 23.96
N ARG A 140 -5.25 13.19 25.10
CA ARG A 140 -6.32 13.68 25.97
C ARG A 140 -5.95 15.01 26.60
N ALA A 141 -4.77 15.08 27.25
CA ALA A 141 -4.41 16.28 28.00
C ALA A 141 -4.36 17.50 27.09
N LEU A 142 -3.87 17.35 25.87
CA LEU A 142 -3.65 18.45 24.95
C LEU A 142 -4.82 18.66 24.00
N ASP A 143 -5.93 17.94 24.21
CA ASP A 143 -7.02 17.89 23.24
C ASP A 143 -7.54 19.28 22.87
N LYS A 144 -7.81 20.13 23.86
CA LYS A 144 -8.31 21.45 23.51
C LYS A 144 -7.28 22.26 22.70
N LYS A 145 -5.99 22.11 22.99
CA LYS A 145 -5.00 22.84 22.19
C LYS A 145 -4.90 22.27 20.78
N LEU A 146 -4.90 20.94 20.65
CA LEU A 146 -4.83 20.29 19.34
C LEU A 146 -6.07 20.54 18.49
N LEU A 147 -7.21 20.83 19.13
CA LEU A 147 -8.42 21.16 18.39
C LEU A 147 -8.22 22.40 17.53
N SER A 148 -7.37 23.33 17.95
CA SER A 148 -7.13 24.54 17.18
C SER A 148 -6.34 24.27 15.90
N LEU A 149 -5.78 23.07 15.73
CA LEU A 149 -5.16 22.71 14.47
C LEU A 149 -6.18 22.43 13.37
N LYS A 150 -7.45 22.27 13.73
CA LYS A 150 -8.45 21.78 12.78
C LYS A 150 -8.58 22.74 11.61
N THR A 151 -8.64 22.16 10.41
CA THR A 151 -8.71 22.93 9.16
C THR A 151 -10.10 23.54 8.98
N VAL A 152 -10.14 24.87 8.87
CA VAL A 152 -11.34 25.61 8.51
C VAL A 152 -10.99 26.54 7.35
N SER A 153 -11.99 27.31 6.89
CA SER A 153 -11.72 28.34 5.88
C SER A 153 -10.74 29.38 6.41
N ASP A 154 -10.71 29.58 7.72
CA ASP A 154 -9.85 30.59 8.32
C ASP A 154 -8.38 30.17 8.39
N SER A 155 -8.09 28.89 8.57
CA SER A 155 -6.72 28.46 8.85
C SER A 155 -6.53 27.00 8.49
N LYS A 156 -5.38 26.71 7.84
CA LYS A 156 -4.96 25.34 7.56
C LYS A 156 -3.47 25.21 7.88
N PRO A 157 -3.08 24.37 8.85
CA PRO A 157 -1.70 24.37 9.33
C PRO A 157 -0.73 23.65 8.39
N ASP A 158 0.49 24.22 8.31
CA ASP A 158 1.64 23.62 7.63
C ASP A 158 2.16 22.39 8.35
N LEU A 159 2.02 22.37 9.66
CA LEU A 159 2.71 21.40 10.50
C LEU A 159 1.70 20.91 11.52
N SER A 160 1.54 19.60 11.66
CA SER A 160 0.57 19.07 12.62
C SER A 160 1.17 17.84 13.28
N LEU A 161 0.31 17.00 13.89
CA LEU A 161 0.75 15.92 14.75
C LEU A 161 0.26 14.56 14.23
N GLN A 162 1.06 13.53 14.42
CA GLN A 162 0.67 12.18 14.03
C GLN A 162 1.12 11.19 15.09
N LEU A 163 0.30 10.17 15.36
CA LEU A 163 0.69 9.09 16.27
C LEU A 163 0.75 7.78 15.50
N ILE A 164 1.75 6.96 15.76
CA ILE A 164 1.83 5.65 15.14
C ILE A 164 2.01 4.61 16.24
N PHE A 165 1.16 3.59 16.24
CA PHE A 165 1.31 2.43 17.11
C PHE A 165 1.64 1.27 16.19
N PHE A 166 2.93 0.90 16.14
CA PHE A 166 3.35 -0.24 15.30
C PHE A 166 2.90 -1.57 15.87
N ASP A 167 2.50 -2.47 14.98
CA ASP A 167 2.33 -3.89 15.29
C ASP A 167 3.63 -4.63 15.03
N GLY A 168 3.78 -5.80 15.65
CA GLY A 168 4.88 -6.70 15.34
C GLY A 168 6.27 -6.14 15.49
N GLU A 169 6.50 -5.23 16.46
CA GLU A 169 7.87 -4.82 16.71
C GLU A 169 8.71 -6.01 17.15
N GLU A 170 8.15 -6.88 17.98
CA GLU A 170 8.94 -7.95 18.60
C GLU A 170 9.12 -9.15 17.68
N ALA A 171 10.24 -9.85 17.86
CA ALA A 171 10.39 -11.15 17.21
C ALA A 171 9.36 -12.12 17.75
N PHE A 172 8.87 -12.99 16.87
CA PHE A 172 8.00 -14.07 17.30
C PHE A 172 8.78 -15.20 17.95
N LEU A 173 10.00 -15.45 17.48
CA LEU A 173 10.73 -16.63 17.90
C LEU A 173 12.18 -16.32 18.27
N HIS A 174 12.95 -15.74 17.34
CA HIS A 174 14.36 -15.42 17.57
C HIS A 174 14.65 -14.13 16.81
N TRP A 175 15.05 -13.09 17.55
CA TRP A 175 15.36 -11.78 16.97
C TRP A 175 16.35 -11.92 15.84
N SER A 176 15.94 -11.49 14.64
CA SER A 176 16.73 -11.75 13.44
C SER A 176 16.24 -10.80 12.36
N PRO A 177 16.99 -10.65 11.26
CA PRO A 177 16.52 -9.72 10.21
C PRO A 177 15.15 -10.10 9.65
N GLN A 178 14.80 -11.38 9.61
CA GLN A 178 13.50 -11.77 9.11
C GLN A 178 12.43 -11.81 10.19
N ASP A 179 12.78 -11.76 11.46
CA ASP A 179 11.81 -11.93 12.55
C ASP A 179 11.98 -10.73 13.47
N SER A 180 11.51 -9.55 13.02
CA SER A 180 11.64 -8.32 13.80
C SER A 180 11.01 -7.17 13.05
N LEU A 181 10.49 -6.19 13.77
CA LEU A 181 10.13 -4.90 13.18
C LEU A 181 9.17 -5.07 12.02
N TYR A 182 8.20 -5.98 12.16
CA TYR A 182 7.31 -6.25 11.02
C TYR A 182 6.57 -5.00 10.61
N GLY A 183 5.93 -4.34 11.57
CA GLY A 183 5.07 -3.20 11.27
C GLY A 183 5.84 -1.98 10.80
N SER A 184 6.96 -1.67 11.46
CA SER A 184 7.71 -0.48 11.06
C SER A 184 8.39 -0.68 9.71
N ARG A 185 8.95 -1.87 9.44
CA ARG A 185 9.51 -2.09 8.12
C ARG A 185 8.46 -1.89 7.04
N HIS A 186 7.25 -2.41 7.27
CA HIS A 186 6.19 -2.28 6.28
C HIS A 186 5.77 -0.83 6.11
N LEU A 187 5.54 -0.12 7.22
CA LEU A 187 4.97 1.21 7.13
C LEU A 187 5.99 2.20 6.58
N ALA A 188 7.27 2.08 6.95
CA ALA A 188 8.27 2.98 6.38
C ALA A 188 8.32 2.84 4.86
N ALA A 189 8.35 1.60 4.37
CA ALA A 189 8.40 1.39 2.92
C ALA A 189 7.15 1.97 2.26
N LYS A 190 6.00 1.82 2.91
CA LYS A 190 4.75 2.33 2.36
C LYS A 190 4.78 3.85 2.31
N MET A 191 5.17 4.50 3.40
CA MET A 191 5.25 5.96 3.40
C MET A 191 6.32 6.47 2.44
N ALA A 192 7.43 5.75 2.28
CA ALA A 192 8.48 6.17 1.35
C ALA A 192 7.99 6.23 -0.09
N SER A 193 6.96 5.45 -0.42
CA SER A 193 6.46 5.37 -1.79
C SER A 193 5.04 5.92 -1.90
N THR A 194 4.63 6.79 -0.98
CA THR A 194 3.33 7.45 -1.09
C THR A 194 3.53 8.93 -1.33
N PRO A 195 3.09 9.50 -2.45
CA PRO A 195 3.27 10.93 -2.66
C PRO A 195 2.61 11.71 -1.53
N HIS A 196 3.25 12.82 -1.13
CA HIS A 196 2.70 13.68 -0.09
C HIS A 196 3.17 15.11 -0.36
N PRO A 197 2.28 16.12 -0.25
CA PRO A 197 0.83 16.02 -0.04
C PRO A 197 0.15 15.40 -1.27
N PRO A 198 -1.13 15.02 -1.17
CA PRO A 198 -1.79 14.40 -2.32
C PRO A 198 -1.60 15.24 -3.57
N GLY A 199 -1.32 14.56 -4.70
CA GLY A 199 -1.06 15.25 -5.94
C GLY A 199 0.39 15.62 -6.18
N ALA A 200 1.28 15.41 -5.21
CA ALA A 200 2.68 15.81 -5.37
C ALA A 200 3.40 14.96 -6.43
N ARG A 201 4.31 15.61 -7.15
CA ARG A 201 5.06 14.91 -8.19
C ARG A 201 6.25 14.15 -7.63
N GLY A 202 6.89 14.66 -6.57
CA GLY A 202 8.21 14.17 -6.26
C GLY A 202 8.58 14.05 -4.80
N THR A 203 7.63 14.25 -3.89
CA THR A 203 7.85 14.18 -2.45
C THR A 203 6.94 13.11 -1.86
N SER A 204 7.43 12.42 -0.83
CA SER A 204 6.76 11.30 -0.16
C SER A 204 6.26 11.69 1.23
N GLN A 205 5.42 10.83 1.81
CA GLN A 205 5.04 11.00 3.22
C GLN A 205 6.26 11.00 4.13
N LEU A 206 7.28 10.25 3.76
CA LEU A 206 8.49 10.21 4.57
C LEU A 206 9.19 11.57 4.61
N HIS A 207 9.17 12.32 3.49
CA HIS A 207 9.77 13.66 3.51
C HIS A 207 9.03 14.62 4.44
N GLY A 208 7.73 14.41 4.62
CA GLY A 208 6.98 15.26 5.52
C GLY A 208 7.13 14.92 7.00
N MET A 209 7.78 13.81 7.35
CA MET A 209 8.02 13.50 8.77
C MET A 209 9.13 14.39 9.27
N ASP A 210 8.78 15.48 9.96
CA ASP A 210 9.77 16.37 10.58
C ASP A 210 10.74 15.61 11.48
N LEU A 211 10.19 14.73 12.30
CA LEU A 211 10.88 14.16 13.44
C LEU A 211 10.04 13.01 13.96
N LEU A 212 10.67 11.86 14.15
CA LEU A 212 10.02 10.66 14.68
C LEU A 212 10.47 10.51 16.13
N VAL A 213 9.55 10.71 17.07
CA VAL A 213 9.84 10.54 18.50
C VAL A 213 9.34 9.16 18.91
N LEU A 214 10.25 8.23 19.15
CA LEU A 214 9.91 6.83 19.42
C LEU A 214 10.11 6.51 20.90
N LEU A 215 9.02 6.19 21.59
CA LEU A 215 9.04 5.78 23.00
C LEU A 215 9.10 4.25 23.10
N ASP A 216 10.04 3.72 23.87
CA ASP A 216 10.13 2.27 24.02
C ASP A 216 10.74 1.97 25.39
N LEU A 217 10.22 0.95 26.08
CA LEU A 217 10.79 0.49 27.37
C LEU A 217 10.76 1.59 28.43
N ILE A 218 9.64 2.28 28.55
CA ILE A 218 9.50 3.38 29.51
C ILE A 218 8.60 2.94 30.64
N GLY A 219 8.98 3.27 31.88
CA GLY A 219 8.16 2.97 33.04
C GLY A 219 8.95 2.42 34.21
N ALA A 220 10.23 2.05 33.99
CA ALA A 220 11.04 1.59 35.10
C ALA A 220 11.74 2.79 35.78
N PRO A 221 12.19 2.65 37.01
CA PRO A 221 12.84 3.79 37.68
C PRO A 221 14.19 4.14 37.05
N ASN A 222 14.58 5.40 37.23
CA ASN A 222 15.89 5.90 36.86
C ASN A 222 16.30 5.65 35.40
N PRO A 223 15.42 5.91 34.44
CA PRO A 223 15.86 5.78 33.03
C PRO A 223 16.87 6.85 32.69
N THR A 224 17.81 6.51 31.80
N THR A 224 17.82 6.50 31.82
CA THR A 224 18.70 7.51 31.20
CA THR A 224 18.70 7.48 31.19
C THR A 224 18.62 7.38 29.69
C THR A 224 18.55 7.35 29.68
N PHE A 225 18.14 8.43 29.02
CA PHE A 225 17.98 8.44 27.57
C PHE A 225 19.21 9.06 26.90
N PRO A 226 20.00 8.30 26.15
CA PRO A 226 21.15 8.89 25.44
C PRO A 226 20.69 9.80 24.31
N ASN A 227 21.58 10.72 23.95
CA ASN A 227 21.45 11.57 22.76
C ASN A 227 22.07 10.82 21.56
N PHE A 228 21.23 10.27 20.68
CA PHE A 228 21.78 9.32 19.71
C PHE A 228 22.26 9.97 18.41
N PHE A 229 21.58 11.01 17.90
CA PHE A 229 21.85 11.36 16.50
C PHE A 229 22.15 12.85 16.34
N PRO A 230 23.13 13.20 15.50
CA PRO A 230 23.49 14.60 15.34
C PRO A 230 22.38 15.46 14.78
N ASN A 231 21.49 14.89 13.94
CA ASN A 231 20.43 15.73 13.37
C ASN A 231 19.22 15.86 14.28
N SER A 232 19.19 15.22 15.45
CA SER A 232 18.16 15.53 16.44
C SER A 232 18.77 15.99 17.77
N ALA A 233 20.09 16.22 17.79
CA ALA A 233 20.74 16.66 19.02
C ALA A 233 20.13 17.94 19.55
N ARG A 234 19.74 18.88 18.66
CA ARG A 234 19.22 20.13 19.20
C ARG A 234 17.85 19.94 19.85
N TRP A 235 17.08 18.94 19.39
CA TRP A 235 15.79 18.65 20.02
C TRP A 235 15.97 17.86 21.31
N PHE A 236 17.02 17.02 21.38
CA PHE A 236 17.40 16.43 22.65
C PHE A 236 17.72 17.50 23.68
N GLU A 237 18.47 18.54 23.27
CA GLU A 237 18.77 19.64 24.20
C GLU A 237 17.49 20.31 24.70
N ARG A 238 16.46 20.41 23.85
CA ARG A 238 15.18 20.97 24.31
C ARG A 238 14.52 20.10 25.36
N LEU A 239 14.59 18.77 25.22
CA LEU A 239 14.12 17.88 26.27
C LEU A 239 14.89 18.11 27.57
N GLN A 240 16.22 18.27 27.48
CA GLN A 240 17.01 18.60 28.67
C GLN A 240 16.53 19.88 29.32
N ALA A 241 16.32 20.93 28.50
CA ALA A 241 15.91 22.23 29.02
C ALA A 241 14.54 22.17 29.67
N ILE A 242 13.61 21.43 29.06
CA ILE A 242 12.27 21.27 29.61
C ILE A 242 12.33 20.52 30.93
N GLU A 243 13.06 19.40 30.98
CA GLU A 243 13.20 18.69 32.25
C GLU A 243 13.74 19.60 33.33
N HIS A 244 14.73 20.41 32.99
CA HIS A 244 15.40 21.27 33.96
C HIS A 244 14.46 22.38 34.44
N GLU A 245 13.71 22.99 33.51
CA GLU A 245 12.75 24.03 33.86
C GLU A 245 11.64 23.49 34.75
N LEU A 246 11.02 22.38 34.33
CA LEU A 246 9.98 21.77 35.15
C LEU A 246 10.50 21.42 36.54
N HIS A 247 11.70 20.82 36.60
CA HIS A 247 12.35 20.59 37.88
C HIS A 247 12.43 21.87 38.72
N GLU A 248 13.02 22.94 38.17
CA GLU A 248 13.25 24.13 39.00
C GLU A 248 11.94 24.76 39.44
N LEU A 249 10.90 24.66 38.62
CA LEU A 249 9.60 25.17 39.01
C LEU A 249 8.88 24.29 40.03
N GLY A 250 9.46 23.17 40.44
CA GLY A 250 8.79 22.31 41.39
C GLY A 250 7.63 21.51 40.83
N LEU A 251 7.62 21.26 39.52
CA LEU A 251 6.53 20.56 38.83
C LEU A 251 6.81 19.09 38.58
N LEU A 252 7.94 18.57 39.04
CA LEU A 252 8.24 17.15 38.92
C LEU A 252 8.22 16.51 40.30
N LYS A 253 8.12 15.19 40.32
CA LYS A 253 7.99 14.43 41.56
C LYS A 253 9.13 13.42 41.68
N ASP A 254 9.69 13.29 42.89
CA ASP A 254 10.72 12.29 43.15
C ASP A 254 11.88 12.43 42.16
N HIS A 255 12.28 13.66 41.88
CA HIS A 255 13.15 13.92 40.73
C HIS A 255 14.36 14.72 41.19
N SER A 256 15.55 14.29 40.79
CA SER A 256 16.72 15.12 41.05
C SER A 256 17.48 15.34 39.74
N LEU A 257 18.12 16.50 39.65
CA LEU A 257 18.90 16.80 38.45
C LEU A 257 20.14 15.92 38.38
N GLU A 258 20.67 15.49 39.52
CA GLU A 258 21.77 14.55 39.51
C GLU A 258 21.35 13.23 38.86
N GLY A 259 20.12 12.78 39.11
CA GLY A 259 19.65 11.60 38.44
C GLY A 259 18.70 11.92 37.29
N ARG A 260 18.97 12.98 36.53
CA ARG A 260 18.02 13.38 35.51
C ARG A 260 17.92 12.33 34.41
N TYR A 261 16.87 12.45 33.60
CA TYR A 261 16.64 11.50 32.52
C TYR A 261 17.45 11.82 31.28
N PHE A 262 17.71 13.09 31.00
CA PHE A 262 18.36 13.49 29.75
C PHE A 262 19.74 14.04 30.07
N GLN A 263 20.72 13.16 30.09
CA GLN A 263 22.05 13.58 30.50
C GLN A 263 22.88 13.92 29.27
N ASN A 264 24.00 14.60 29.50
CA ASN A 264 24.99 14.91 28.47
C ASN A 264 25.72 13.61 28.17
N TYR A 265 25.13 12.82 27.29
CA TYR A 265 25.65 11.47 27.09
C TYR A 265 25.13 10.99 25.74
N SER A 266 26.04 10.62 24.87
CA SER A 266 25.68 10.12 23.56
C SER A 266 26.02 8.64 23.48
N TYR A 267 25.58 8.02 22.40
CA TYR A 267 25.63 6.57 22.25
C TYR A 267 25.94 6.29 20.80
N GLY A 268 27.13 5.75 20.54
CA GLY A 268 27.57 5.55 19.17
C GLY A 268 27.08 4.28 18.51
N GLY A 269 26.66 3.29 19.31
CA GLY A 269 26.20 2.03 18.79
C GLY A 269 24.82 2.13 18.23
N VAL A 270 24.33 1.03 17.68
CA VAL A 270 22.98 0.96 17.12
C VAL A 270 22.08 0.25 18.12
N ILE A 271 20.92 0.82 18.38
CA ILE A 271 19.85 0.10 19.05
C ILE A 271 18.84 -0.26 17.97
N GLN A 272 18.62 -1.56 17.78
CA GLN A 272 17.66 -2.03 16.79
C GLN A 272 16.26 -1.87 17.36
N ASP A 273 15.40 -1.12 16.66
CA ASP A 273 14.06 -0.79 17.14
C ASP A 273 13.28 -0.23 15.95
N ASP A 274 11.99 0.14 16.20
CA ASP A 274 11.09 0.54 15.12
C ASP A 274 11.55 1.78 14.36
N HIS A 275 12.45 2.60 14.91
CA HIS A 275 12.96 3.76 14.16
C HIS A 275 13.86 3.37 12.99
N ILE A 276 14.46 2.18 13.01
CA ILE A 276 15.53 1.86 12.05
C ILE A 276 15.06 1.99 10.60
N PRO A 277 13.87 1.51 10.21
CA PRO A 277 13.48 1.65 8.79
C PRO A 277 13.25 3.08 8.38
N PHE A 278 12.93 3.96 9.33
CA PHE A 278 12.78 5.38 9.07
C PHE A 278 14.14 6.05 9.03
N LEU A 279 14.96 5.77 10.04
CA LEU A 279 16.30 6.31 10.14
C LEU A 279 17.11 6.01 8.89
N ARG A 280 17.02 4.78 8.39
CA ARG A 280 17.81 4.37 7.23
C ARG A 280 17.40 5.12 5.98
N ARG A 281 16.21 5.72 5.95
CA ARG A 281 15.76 6.54 4.82
C ARG A 281 15.89 8.02 5.11
N GLY A 282 16.56 8.41 6.19
CA GLY A 282 16.86 9.80 6.44
C GLY A 282 15.85 10.57 7.27
N VAL A 283 14.89 9.90 7.89
CA VAL A 283 14.00 10.63 8.80
C VAL A 283 14.76 10.97 10.08
N PRO A 284 14.68 12.20 10.60
CA PRO A 284 15.27 12.49 11.90
C PRO A 284 14.54 11.76 13.03
N VAL A 285 15.31 11.25 13.99
CA VAL A 285 14.76 10.41 15.05
C VAL A 285 15.23 10.91 16.41
N LEU A 286 14.31 10.99 17.34
CA LEU A 286 14.58 11.15 18.76
C LEU A 286 14.14 9.85 19.40
N HIS A 287 15.09 9.03 19.83
CA HIS A 287 14.80 7.67 20.27
C HIS A 287 14.72 7.68 21.80
N LEU A 288 13.51 7.70 22.35
CA LEU A 288 13.33 7.72 23.81
C LEU A 288 13.25 6.28 24.31
N ILE A 289 14.41 5.64 24.36
CA ILE A 289 14.57 4.29 24.93
C ILE A 289 15.68 4.42 25.96
N PRO A 290 15.57 3.82 27.13
CA PRO A 290 16.64 3.96 28.12
C PRO A 290 17.82 3.09 27.75
N SER A 291 19.00 3.53 28.17
CA SER A 291 20.21 2.72 28.11
C SER A 291 20.86 2.77 29.48
N PRO A 292 21.01 1.64 30.19
CA PRO A 292 20.65 0.27 29.79
C PRO A 292 19.14 0.02 29.76
N PHE A 293 18.74 -1.09 29.12
CA PHE A 293 17.35 -1.52 29.18
C PHE A 293 16.98 -1.81 30.64
N PRO A 294 15.72 -1.62 31.03
CA PRO A 294 15.28 -2.02 32.38
C PRO A 294 15.63 -3.48 32.69
N GLU A 295 15.94 -3.76 33.97
CA GLU A 295 16.31 -5.12 34.35
C GLU A 295 15.17 -6.11 34.13
N VAL A 296 13.91 -5.64 34.12
CA VAL A 296 12.79 -6.54 33.89
C VAL A 296 12.59 -6.86 32.42
N TRP A 297 13.46 -6.35 31.55
CA TRP A 297 13.31 -6.46 30.10
C TRP A 297 13.04 -7.91 29.65
N HIS A 298 11.94 -8.09 28.93
CA HIS A 298 11.52 -9.37 28.34
C HIS A 298 11.41 -10.48 29.37
N THR A 299 11.02 -10.11 30.59
CA THR A 299 10.70 -11.07 31.64
C THR A 299 9.25 -10.91 32.04
N MET A 300 8.72 -11.94 32.69
CA MET A 300 7.38 -11.87 33.27
C MET A 300 7.28 -10.80 34.34
N ASP A 301 8.41 -10.32 34.85
CA ASP A 301 8.36 -9.22 35.81
C ASP A 301 8.21 -7.85 35.16
N ASP A 302 8.12 -7.77 33.82
CA ASP A 302 7.80 -6.47 33.23
C ASP A 302 6.28 -6.30 33.31
N ASN A 303 5.80 -5.97 34.51
CA ASN A 303 4.38 -5.98 34.81
C ASN A 303 3.98 -4.65 35.46
N GLU A 304 2.69 -4.50 35.79
CA GLU A 304 2.21 -3.26 36.39
C GLU A 304 2.89 -2.99 37.73
N GLU A 305 3.10 -4.05 38.52
CA GLU A 305 3.60 -3.90 39.88
C GLU A 305 4.96 -3.23 39.92
N ASN A 306 5.78 -3.39 38.89
CA ASN A 306 7.15 -2.87 38.88
C ASN A 306 7.29 -1.55 38.14
N LEU A 307 6.20 -0.98 37.64
CA LEU A 307 6.25 0.35 37.06
C LEU A 307 6.48 1.40 38.13
N ASP A 308 7.13 2.51 37.74
CA ASP A 308 7.41 3.65 38.61
C ASP A 308 6.52 4.82 38.16
N GLU A 309 5.42 5.06 38.89
CA GLU A 309 4.42 6.00 38.39
C GLU A 309 4.93 7.43 38.32
N SER A 310 5.78 7.85 39.27
N SER A 310 5.79 7.85 39.27
CA SER A 310 6.25 9.22 39.26
CA SER A 310 6.23 9.23 39.26
C SER A 310 7.11 9.49 38.03
C SER A 310 7.15 9.51 38.07
N THR A 311 7.96 8.52 37.67
CA THR A 311 8.79 8.68 36.49
C THR A 311 7.93 8.86 35.24
N ILE A 312 6.85 8.08 35.12
CA ILE A 312 5.98 8.19 33.96
C ILE A 312 5.26 9.55 33.97
N ASP A 313 4.73 9.94 35.14
CA ASP A 313 4.08 11.24 35.27
C ASP A 313 5.03 12.35 34.83
N ASN A 314 6.29 12.32 35.31
CA ASN A 314 7.28 13.32 34.94
C ASN A 314 7.50 13.35 33.43
N LEU A 315 7.67 12.18 32.82
CA LEU A 315 7.92 12.12 31.39
C LEU A 315 6.70 12.56 30.59
N ASN A 316 5.49 12.27 31.07
CA ASN A 316 4.29 12.83 30.46
C ASN A 316 4.38 14.35 30.37
N LYS A 317 4.74 15.01 31.49
CA LYS A 317 4.82 16.46 31.49
C LYS A 317 5.87 16.96 30.52
N ILE A 318 7.06 16.33 30.52
CA ILE A 318 8.14 16.74 29.63
C ILE A 318 7.72 16.60 28.16
N LEU A 319 7.12 15.45 27.83
CA LEU A 319 6.74 15.18 26.44
C LEU A 319 5.62 16.10 25.97
N GLN A 320 4.63 16.36 26.83
CA GLN A 320 3.55 17.26 26.46
C GLN A 320 4.08 18.67 26.19
N VAL A 321 5.00 19.15 27.03
CA VAL A 321 5.58 20.48 26.81
C VAL A 321 6.34 20.50 25.49
N PHE A 322 7.19 19.48 25.29
CA PHE A 322 7.94 19.36 24.04
C PHE A 322 7.01 19.45 22.83
N VAL A 323 5.90 18.70 22.85
CA VAL A 323 5.01 18.67 21.69
C VAL A 323 4.38 20.04 21.49
N LEU A 324 3.90 20.68 22.56
CA LEU A 324 3.29 22.00 22.39
C LEU A 324 4.29 23.02 21.83
N GLU A 325 5.52 23.00 22.34
CA GLU A 325 6.54 23.95 21.87
C GLU A 325 6.90 23.70 20.41
N TYR A 326 7.03 22.42 20.03
CA TYR A 326 7.30 22.08 18.63
C TYR A 326 6.18 22.58 17.71
N LEU A 327 4.94 22.40 18.12
CA LEU A 327 3.81 22.72 17.27
C LEU A 327 3.39 24.18 17.34
N HIS A 328 3.97 24.93 18.28
CA HIS A 328 3.61 26.34 18.54
C HIS A 328 2.18 26.47 19.07
N LEU A 329 1.80 25.56 19.96
CA LEU A 329 0.50 25.66 20.61
C LEU A 329 0.63 26.01 22.08
N GLY B 1 -6.84 -25.84 6.34
CA GLY B 1 -7.06 -24.43 6.10
C GLY B 1 -7.92 -24.19 4.88
N PRO B 2 -7.83 -23.00 4.29
CA PRO B 2 -8.63 -22.69 3.11
C PRO B 2 -8.25 -23.58 1.94
N ALA B 3 -9.26 -24.07 1.24
CA ALA B 3 -9.03 -24.75 -0.03
C ALA B 3 -9.13 -23.83 -1.21
N TRP B 4 -9.68 -22.63 -1.05
CA TRP B 4 -9.91 -21.79 -2.21
C TRP B 4 -8.62 -21.43 -2.96
N PRO B 5 -7.44 -21.28 -2.34
CA PRO B 5 -6.24 -21.00 -3.16
C PRO B 5 -5.87 -22.13 -4.11
N GLU B 6 -6.42 -23.34 -3.94
CA GLU B 6 -6.10 -24.42 -4.88
C GLU B 6 -7.11 -24.57 -6.00
N GLU B 7 -8.27 -23.90 -5.90
CA GLU B 7 -9.39 -24.21 -6.80
C GLU B 7 -9.07 -23.92 -8.26
N LYS B 8 -8.18 -22.94 -8.52
CA LYS B 8 -7.79 -22.65 -9.90
C LYS B 8 -7.27 -23.89 -10.61
N ASN B 9 -6.66 -24.82 -9.86
CA ASN B 9 -6.12 -26.03 -10.49
C ASN B 9 -7.21 -26.94 -11.03
N TYR B 10 -8.40 -26.89 -10.42
CA TYR B 10 -9.51 -27.77 -10.76
C TYR B 10 -10.51 -27.09 -11.68
N HIS B 11 -10.36 -25.79 -11.90
CA HIS B 11 -11.40 -25.00 -12.55
C HIS B 11 -11.49 -25.35 -14.03
N GLN B 12 -12.73 -25.49 -14.51
CA GLN B 12 -13.02 -25.81 -15.90
C GLN B 12 -13.96 -24.78 -16.50
N PRO B 13 -13.83 -24.51 -17.79
CA PRO B 13 -14.76 -23.58 -18.45
C PRO B 13 -16.14 -24.22 -18.61
N ALA B 14 -17.15 -23.36 -18.69
CA ALA B 14 -18.52 -23.77 -19.05
C ALA B 14 -18.73 -23.26 -20.47
N ILE B 15 -18.62 -24.16 -21.43
CA ILE B 15 -18.47 -23.85 -22.84
C ILE B 15 -19.81 -23.40 -23.43
N LEU B 16 -19.78 -22.36 -24.27
CA LEU B 16 -20.97 -21.84 -24.94
C LEU B 16 -21.32 -22.67 -26.17
N ASN B 17 -22.62 -22.76 -26.45
CA ASN B 17 -23.08 -23.42 -27.66
C ASN B 17 -23.10 -22.44 -28.84
N SER B 18 -23.47 -22.96 -30.02
CA SER B 18 -23.47 -22.17 -31.25
C SER B 18 -24.35 -20.93 -31.12
N SER B 19 -25.53 -21.08 -30.52
CA SER B 19 -26.43 -19.94 -30.37
C SER B 19 -25.80 -18.85 -29.51
N ALA B 20 -25.22 -19.25 -28.37
CA ALA B 20 -24.59 -18.27 -27.49
C ALA B 20 -23.42 -17.58 -28.19
N LEU B 21 -22.64 -18.33 -28.97
CA LEU B 21 -21.51 -17.73 -29.67
C LEU B 21 -21.97 -16.67 -30.66
N ARG B 22 -23.07 -16.93 -31.38
N ARG B 22 -23.06 -16.95 -31.41
CA ARG B 22 -23.64 -15.90 -32.24
CA ARG B 22 -23.62 -15.93 -32.29
C ARG B 22 -24.04 -14.67 -31.45
C ARG B 22 -24.07 -14.71 -31.51
N GLN B 23 -24.72 -14.88 -30.31
N GLN B 23 -24.70 -14.93 -30.35
CA GLN B 23 -25.17 -13.74 -29.52
CA GLN B 23 -25.14 -13.80 -29.54
C GLN B 23 -23.99 -12.91 -29.02
C GLN B 23 -23.95 -12.93 -29.14
N ILE B 24 -22.87 -13.57 -28.69
CA ILE B 24 -21.68 -12.82 -28.28
C ILE B 24 -21.10 -12.07 -29.46
N ALA B 25 -21.03 -12.73 -30.62
CA ALA B 25 -20.41 -12.08 -31.77
C ALA B 25 -21.19 -10.84 -32.17
N GLU B 26 -22.53 -10.89 -32.07
CA GLU B 26 -23.37 -9.75 -32.42
C GLU B 26 -23.42 -8.69 -31.33
N GLY B 27 -23.02 -9.01 -30.10
CA GLY B 27 -23.18 -8.08 -29.00
C GLY B 27 -22.04 -7.09 -28.83
N THR B 28 -20.91 -7.32 -29.48
CA THR B 28 -19.79 -6.41 -29.42
C THR B 28 -19.77 -5.53 -30.68
N SER B 29 -19.34 -4.28 -30.52
CA SER B 29 -19.38 -3.33 -31.63
C SER B 29 -17.99 -2.70 -31.79
N ILE B 30 -17.28 -3.08 -32.85
CA ILE B 30 -15.94 -2.53 -33.08
C ILE B 30 -16.01 -1.03 -33.36
N SER B 31 -17.07 -0.55 -34.02
CA SER B 31 -17.15 0.88 -34.31
C SER B 31 -17.47 1.68 -33.05
N GLU B 32 -18.28 1.14 -32.14
CA GLU B 32 -18.53 1.84 -30.88
C GLU B 32 -17.26 1.88 -30.02
N MET B 33 -16.56 0.74 -29.90
CA MET B 33 -15.29 0.77 -29.20
C MET B 33 -14.35 1.82 -29.78
N TRP B 34 -14.27 1.88 -31.11
CA TRP B 34 -13.32 2.78 -31.76
C TRP B 34 -13.59 4.23 -31.38
N GLN B 35 -14.83 4.69 -31.57
CA GLN B 35 -15.14 6.07 -31.29
C GLN B 35 -15.11 6.38 -29.79
N ASN B 36 -15.71 5.52 -28.97
CA ASN B 36 -16.01 5.87 -27.58
C ASN B 36 -14.96 5.40 -26.58
N ASP B 37 -14.21 4.35 -26.90
CA ASP B 37 -13.19 3.80 -26.00
C ASP B 37 -11.77 3.99 -26.48
N LEU B 38 -11.50 3.80 -27.77
CA LEU B 38 -10.12 3.87 -28.28
C LEU B 38 -9.66 5.29 -28.58
N GLN B 39 -10.43 6.04 -29.37
CA GLN B 39 -9.93 7.34 -29.83
C GLN B 39 -9.58 8.30 -28.68
N PRO B 40 -10.31 8.38 -27.56
CA PRO B 40 -9.87 9.23 -26.45
C PRO B 40 -8.56 8.80 -25.80
N LEU B 41 -8.10 7.57 -26.03
CA LEU B 41 -6.83 7.12 -25.47
C LEU B 41 -5.63 7.32 -26.42
N LEU B 42 -5.87 7.68 -27.69
CA LEU B 42 -4.78 7.90 -28.65
C LEU B 42 -4.14 9.27 -28.44
N ILE B 43 -3.52 9.44 -27.26
CA ILE B 43 -2.96 10.73 -26.85
C ILE B 43 -1.65 10.43 -26.12
N GLU B 44 -0.78 11.42 -26.08
CA GLU B 44 0.47 11.25 -25.33
C GLU B 44 0.14 11.15 -23.85
N ARG B 45 0.57 10.05 -23.20
CA ARG B 45 0.09 9.76 -21.84
C ARG B 45 1.17 9.04 -21.03
N TYR B 46 2.42 9.53 -21.11
CA TYR B 46 3.46 8.96 -20.26
C TYR B 46 3.22 9.39 -18.81
N PRO B 47 3.85 8.72 -17.83
CA PRO B 47 3.49 8.98 -16.42
C PRO B 47 3.75 10.41 -15.99
N GLY B 48 2.79 10.97 -15.25
CA GLY B 48 2.89 12.34 -14.80
C GLY B 48 2.43 13.39 -15.79
N SER B 49 2.15 13.00 -17.05
CA SER B 49 1.75 13.97 -18.08
C SER B 49 0.25 14.25 -17.97
N PRO B 50 -0.23 15.37 -18.53
CA PRO B 50 -1.68 15.59 -18.53
C PRO B 50 -2.45 14.45 -19.19
N GLY B 51 -1.89 13.80 -20.20
CA GLY B 51 -2.61 12.71 -20.86
C GLY B 51 -2.76 11.49 -19.98
N SER B 52 -1.80 11.27 -19.07
CA SER B 52 -1.95 10.20 -18.09
C SER B 52 -3.22 10.40 -17.26
N TYR B 53 -3.37 11.58 -16.69
CA TYR B 53 -4.57 11.87 -15.91
C TYR B 53 -5.81 11.80 -16.79
N ALA B 54 -5.75 12.35 -18.02
CA ALA B 54 -6.90 12.29 -18.91
C ALA B 54 -7.26 10.84 -19.23
N ALA B 55 -6.26 10.03 -19.57
CA ALA B 55 -6.50 8.62 -19.85
C ALA B 55 -7.19 7.93 -18.67
N ARG B 56 -6.67 8.16 -17.46
CA ARG B 56 -7.24 7.60 -16.24
C ARG B 56 -8.69 8.05 -16.03
N GLN B 57 -8.96 9.35 -16.17
CA GLN B 57 -10.33 9.83 -16.06
C GLN B 57 -11.25 9.15 -17.06
N HIS B 58 -10.77 8.98 -18.30
CA HIS B 58 -11.61 8.38 -19.33
C HIS B 58 -11.91 6.91 -19.02
N ILE B 59 -10.91 6.15 -18.58
CA ILE B 59 -11.11 4.74 -18.24
C ILE B 59 -12.09 4.60 -17.07
N MET B 60 -11.91 5.41 -16.03
CA MET B 60 -12.82 5.36 -14.89
C MET B 60 -14.24 5.71 -15.32
N GLN B 61 -14.39 6.74 -16.15
CA GLN B 61 -15.72 7.20 -16.55
C GLN B 61 -16.43 6.14 -17.40
N ARG B 62 -15.70 5.45 -18.27
CA ARG B 62 -16.34 4.45 -19.12
C ARG B 62 -16.77 3.24 -18.30
N ILE B 63 -16.02 2.91 -17.25
N ILE B 63 -16.02 2.91 -17.25
CA ILE B 63 -16.42 1.82 -16.38
CA ILE B 63 -16.42 1.82 -16.38
C ILE B 63 -17.59 2.24 -15.49
C ILE B 63 -17.59 2.25 -15.49
N GLN B 64 -17.54 3.48 -14.97
CA GLN B 64 -18.56 3.94 -14.03
C GLN B 64 -19.97 4.01 -14.65
N ARG B 65 -20.08 4.27 -15.95
CA ARG B 65 -21.41 4.34 -16.55
C ARG B 65 -22.06 2.96 -16.73
N LEU B 66 -21.33 1.87 -16.50
CA LEU B 66 -21.89 0.55 -16.71
C LEU B 66 -22.79 0.14 -15.53
N GLN B 67 -23.70 -0.81 -15.81
CA GLN B 67 -24.63 -1.28 -14.80
C GLN B 67 -23.96 -2.21 -13.80
N ALA B 68 -22.99 -3.01 -14.24
CA ALA B 68 -22.33 -3.92 -13.32
C ALA B 68 -21.63 -3.14 -12.20
N ASP B 69 -21.46 -3.81 -11.07
CA ASP B 69 -21.08 -3.19 -9.81
C ASP B 69 -19.57 -3.02 -9.68
N TRP B 70 -18.93 -2.40 -10.67
CA TRP B 70 -17.48 -2.27 -10.65
C TRP B 70 -17.01 -1.36 -9.51
N VAL B 71 -15.95 -1.77 -8.84
CA VAL B 71 -15.34 -1.00 -7.77
C VAL B 71 -13.99 -0.53 -8.28
N LEU B 72 -13.82 0.77 -8.37
CA LEU B 72 -12.60 1.36 -8.92
C LEU B 72 -11.68 1.79 -7.79
N GLU B 73 -10.40 1.44 -7.89
CA GLU B 73 -9.39 1.90 -6.96
C GLU B 73 -8.24 2.47 -7.75
N ILE B 74 -7.76 3.64 -7.37
CA ILE B 74 -6.55 4.21 -7.95
C ILE B 74 -5.41 3.92 -7.00
N ASP B 75 -4.38 3.26 -7.50
CA ASP B 75 -3.22 2.88 -6.71
C ASP B 75 -2.07 3.83 -7.08
N THR B 76 -1.91 4.89 -6.31
CA THR B 76 -0.96 5.96 -6.62
C THR B 76 0.30 5.79 -5.76
N PHE B 77 1.47 5.80 -6.38
CA PHE B 77 2.72 5.62 -5.64
C PHE B 77 3.81 6.47 -6.24
N LEU B 78 4.89 6.60 -5.47
CA LEU B 78 6.08 7.33 -5.86
C LEU B 78 7.20 6.33 -6.11
N SER B 79 7.98 6.56 -7.18
CA SER B 79 9.15 5.73 -7.44
C SER B 79 10.28 6.57 -8.01
N GLN B 80 11.51 6.20 -7.67
CA GLN B 80 12.67 6.80 -8.32
C GLN B 80 12.68 6.44 -9.81
N THR B 81 13.08 7.37 -10.66
CA THR B 81 13.24 7.13 -12.08
C THR B 81 14.56 7.75 -12.48
N PRO B 82 15.05 7.49 -13.71
CA PRO B 82 16.27 8.19 -14.16
C PRO B 82 16.14 9.69 -14.17
N TYR B 83 14.93 10.24 -14.05
CA TYR B 83 14.72 11.69 -14.05
C TYR B 83 14.44 12.25 -12.66
N GLY B 84 14.42 11.41 -11.63
CA GLY B 84 14.00 11.80 -10.29
C GLY B 84 12.73 11.06 -9.87
N TYR B 85 12.27 11.37 -8.66
CA TYR B 85 11.03 10.78 -8.17
C TYR B 85 9.87 11.22 -9.05
N ARG B 86 9.00 10.26 -9.41
CA ARG B 86 7.81 10.52 -10.19
C ARG B 86 6.63 9.77 -9.56
N SER B 87 5.42 10.25 -9.87
CA SER B 87 4.18 9.70 -9.35
C SER B 87 3.53 8.86 -10.45
N PHE B 88 3.03 7.68 -10.08
CA PHE B 88 2.43 6.73 -11.00
C PHE B 88 1.08 6.33 -10.42
N SER B 89 0.11 5.95 -11.27
CA SER B 89 -1.20 5.55 -10.72
C SER B 89 -1.73 4.32 -11.47
N ASN B 90 -1.73 3.17 -10.82
CA ASN B 90 -2.40 2.01 -11.41
C ASN B 90 -3.91 2.18 -11.25
N ILE B 91 -4.66 1.63 -12.19
CA ILE B 91 -6.12 1.61 -12.12
C ILE B 91 -6.55 0.17 -11.94
N ILE B 92 -7.32 -0.11 -10.89
CA ILE B 92 -7.89 -1.42 -10.68
C ILE B 92 -9.41 -1.28 -10.70
N SER B 93 -10.07 -2.17 -11.45
CA SER B 93 -11.53 -2.19 -11.53
C SER B 93 -11.96 -3.61 -11.24
N THR B 94 -12.68 -3.82 -10.14
CA THR B 94 -12.94 -5.17 -9.65
C THR B 94 -14.43 -5.37 -9.44
N LEU B 95 -14.96 -6.46 -9.99
CA LEU B 95 -16.28 -6.97 -9.58
C LEU B 95 -16.09 -7.88 -8.39
N ASN B 96 -16.89 -7.67 -7.34
CA ASN B 96 -16.85 -8.49 -6.13
C ASN B 96 -15.47 -8.45 -5.48
N PRO B 97 -15.05 -7.32 -4.92
CA PRO B 97 -13.69 -7.22 -4.38
C PRO B 97 -13.41 -8.16 -3.23
N THR B 98 -14.41 -8.62 -2.50
CA THR B 98 -14.16 -9.59 -1.45
C THR B 98 -14.35 -11.03 -1.92
N ALA B 99 -14.67 -11.26 -3.19
CA ALA B 99 -14.71 -12.64 -3.66
C ALA B 99 -13.30 -13.23 -3.62
N LYS B 100 -13.20 -14.50 -3.21
CA LYS B 100 -11.91 -15.13 -3.02
C LYS B 100 -11.05 -15.07 -4.27
N ARG B 101 -11.62 -15.42 -5.43
CA ARG B 101 -10.86 -15.63 -6.65
C ARG B 101 -11.30 -14.67 -7.75
N HIS B 102 -10.34 -14.23 -8.57
CA HIS B 102 -10.68 -13.45 -9.75
C HIS B 102 -9.89 -13.94 -10.95
N LEU B 103 -10.58 -13.99 -12.08
CA LEU B 103 -9.91 -13.89 -13.37
C LEU B 103 -9.48 -12.45 -13.58
N VAL B 104 -8.24 -12.23 -14.01
CA VAL B 104 -7.72 -10.88 -14.13
C VAL B 104 -7.29 -10.63 -15.57
N LEU B 105 -7.87 -9.58 -16.19
CA LEU B 105 -7.43 -9.09 -17.49
C LEU B 105 -6.63 -7.82 -17.27
N ALA B 106 -5.55 -7.66 -18.03
CA ALA B 106 -4.67 -6.54 -17.73
C ALA B 106 -4.01 -6.00 -18.99
N CYS B 107 -3.64 -4.72 -18.94
CA CYS B 107 -2.73 -4.12 -19.93
C CYS B 107 -2.09 -2.90 -19.27
N HIS B 108 -1.21 -2.22 -19.97
CA HIS B 108 -0.66 -0.96 -19.46
C HIS B 108 -1.30 0.22 -20.19
N TYR B 109 -1.63 1.29 -19.46
CA TYR B 109 -2.28 2.44 -20.09
C TYR B 109 -1.35 3.65 -20.28
N ASP B 110 -0.14 3.63 -19.75
CA ASP B 110 0.81 4.69 -20.09
C ASP B 110 1.30 4.50 -21.53
N SER B 111 1.79 5.59 -22.13
CA SER B 111 2.51 5.49 -23.39
C SER B 111 3.98 5.82 -23.17
N LYS B 112 4.86 5.22 -23.97
CA LYS B 112 6.29 5.41 -23.77
C LYS B 112 6.67 6.88 -23.94
N TYR B 113 7.46 7.40 -23.00
CA TYR B 113 8.00 8.74 -23.08
C TYR B 113 9.05 8.84 -24.19
N PHE B 114 8.77 9.69 -25.18
CA PHE B 114 9.66 9.91 -26.32
C PHE B 114 9.75 11.42 -26.59
N SER B 115 10.90 11.88 -27.08
CA SER B 115 10.92 13.20 -27.67
C SER B 115 9.98 13.23 -28.87
N HIS B 116 9.74 14.43 -29.40
CA HIS B 116 8.83 14.58 -30.54
C HIS B 116 9.61 14.45 -31.84
N TRP B 117 10.03 13.22 -32.12
CA TRP B 117 10.85 12.94 -33.29
C TRP B 117 10.12 13.30 -34.58
N ASN B 118 10.78 14.08 -35.44
CA ASN B 118 10.16 14.64 -36.65
C ASN B 118 8.88 15.41 -36.35
N ASN B 119 8.77 15.96 -35.15
CA ASN B 119 7.61 16.71 -34.70
C ASN B 119 6.36 15.84 -34.58
N ARG B 120 6.52 14.53 -34.54
CA ARG B 120 5.43 13.60 -34.25
C ARG B 120 5.45 13.25 -32.76
N VAL B 121 4.33 12.69 -32.28
CA VAL B 121 4.19 12.35 -30.87
C VAL B 121 3.78 10.88 -30.75
N PHE B 122 4.44 10.14 -29.84
CA PHE B 122 4.18 8.70 -29.69
C PHE B 122 2.90 8.48 -28.89
N VAL B 123 1.92 7.80 -29.49
CA VAL B 123 0.66 7.52 -28.81
C VAL B 123 0.41 6.03 -28.60
N GLY B 124 1.32 5.17 -29.04
CA GLY B 124 1.23 3.73 -28.77
C GLY B 124 -0.15 3.15 -29.01
N ALA B 125 -0.61 3.17 -30.25
CA ALA B 125 -1.94 2.65 -30.57
C ALA B 125 -2.07 1.15 -30.24
N THR B 126 -1.16 0.32 -30.75
CA THR B 126 -1.15 -1.10 -30.32
C THR B 126 -0.62 -1.23 -28.89
N ASP B 127 0.07 -0.20 -28.40
CA ASP B 127 1.01 -0.32 -27.27
C ASP B 127 0.74 0.81 -26.25
N SER B 128 -0.35 0.73 -25.48
CA SER B 128 -1.35 -0.35 -25.51
C SER B 128 -2.77 0.24 -25.48
N ALA B 129 -3.02 1.27 -26.30
CA ALA B 129 -4.34 1.88 -26.31
C ALA B 129 -5.41 0.88 -26.73
N VAL B 130 -5.11 0.04 -27.73
CA VAL B 130 -6.10 -0.93 -28.21
C VAL B 130 -6.39 -1.96 -27.12
N PRO B 131 -5.39 -2.57 -26.47
CA PRO B 131 -5.70 -3.39 -25.27
C PRO B 131 -6.58 -2.70 -24.25
N CYS B 132 -6.32 -1.42 -23.94
CA CYS B 132 -7.20 -0.69 -23.02
C CYS B 132 -8.63 -0.69 -23.52
N ALA B 133 -8.81 -0.27 -24.78
CA ALA B 133 -10.16 -0.17 -25.33
C ALA B 133 -10.83 -1.54 -25.46
N MET B 134 -10.05 -2.60 -25.68
CA MET B 134 -10.65 -3.93 -25.75
C MET B 134 -11.21 -4.36 -24.40
N MET B 135 -10.47 -4.06 -23.32
CA MET B 135 -10.96 -4.34 -21.99
C MET B 135 -12.22 -3.53 -21.68
N LEU B 136 -12.25 -2.26 -22.08
CA LEU B 136 -13.44 -1.43 -21.88
C LEU B 136 -14.61 -1.95 -22.69
N GLU B 137 -14.38 -2.30 -23.97
CA GLU B 137 -15.45 -2.86 -24.79
C GLU B 137 -15.96 -4.17 -24.24
N LEU B 138 -15.07 -4.99 -23.66
CA LEU B 138 -15.51 -6.22 -23.02
C LEU B 138 -16.45 -5.94 -21.87
N ALA B 139 -16.09 -4.98 -21.02
CA ALA B 139 -16.94 -4.64 -19.88
C ALA B 139 -18.29 -4.15 -20.36
N ARG B 140 -18.29 -3.35 -21.43
CA ARG B 140 -19.56 -2.87 -21.99
C ARG B 140 -20.38 -4.00 -22.61
N ALA B 141 -19.77 -4.79 -23.49
CA ALA B 141 -20.53 -5.79 -24.24
C ALA B 141 -21.12 -6.84 -23.32
N LEU B 142 -20.44 -7.14 -22.22
CA LEU B 142 -20.82 -8.20 -21.30
C LEU B 142 -21.51 -7.66 -20.06
N ASP B 143 -21.90 -6.37 -20.08
CA ASP B 143 -22.36 -5.71 -18.86
C ASP B 143 -23.57 -6.41 -18.26
N LYS B 144 -24.58 -6.77 -19.08
CA LYS B 144 -25.77 -7.41 -18.53
C LYS B 144 -25.44 -8.74 -17.87
N LYS B 145 -24.50 -9.50 -18.43
CA LYS B 145 -24.13 -10.78 -17.84
C LYS B 145 -23.31 -10.59 -16.57
N LEU B 146 -22.33 -9.68 -16.60
CA LEU B 146 -21.53 -9.37 -15.42
C LEU B 146 -22.38 -8.77 -14.30
N LEU B 147 -23.51 -8.15 -14.62
CA LEU B 147 -24.39 -7.63 -13.60
C LEU B 147 -24.96 -8.76 -12.73
N SER B 148 -25.08 -9.97 -13.27
CA SER B 148 -25.57 -11.08 -12.46
C SER B 148 -24.58 -11.47 -11.36
N LEU B 149 -23.29 -11.12 -11.50
CA LEU B 149 -22.30 -11.37 -10.46
C LEU B 149 -22.51 -10.51 -9.20
N LYS B 150 -23.36 -9.48 -9.27
CA LYS B 150 -23.51 -8.56 -8.14
C LYS B 150 -23.90 -9.31 -6.88
N THR B 151 -23.12 -9.12 -5.83
CA THR B 151 -23.39 -9.79 -4.57
C THR B 151 -24.67 -9.24 -3.96
N VAL B 152 -25.54 -10.15 -3.53
CA VAL B 152 -26.81 -9.82 -2.89
C VAL B 152 -27.00 -10.80 -1.73
N SER B 153 -28.09 -10.62 -0.99
CA SER B 153 -28.47 -11.64 -0.01
C SER B 153 -28.65 -13.00 -0.67
N ASP B 154 -29.10 -13.00 -1.93
CA ASP B 154 -29.38 -14.25 -2.64
C ASP B 154 -28.11 -14.98 -3.04
N SER B 155 -27.08 -14.24 -3.46
CA SER B 155 -26.00 -14.83 -4.23
C SER B 155 -24.69 -14.11 -3.98
N LYS B 156 -23.61 -14.87 -3.73
CA LYS B 156 -22.27 -14.30 -3.72
C LYS B 156 -21.29 -15.18 -4.48
N PRO B 157 -20.64 -14.66 -5.51
CA PRO B 157 -19.76 -15.51 -6.32
C PRO B 157 -18.46 -15.87 -5.61
N ASP B 158 -18.02 -17.10 -5.85
N ASP B 158 -17.99 -17.09 -5.83
CA ASP B 158 -16.70 -17.55 -5.43
CA ASP B 158 -16.65 -17.44 -5.37
C ASP B 158 -15.61 -16.96 -6.33
C ASP B 158 -15.58 -16.99 -6.35
N LEU B 159 -15.95 -16.66 -7.58
CA LEU B 159 -15.01 -16.28 -8.62
C LEU B 159 -15.62 -15.15 -9.43
N SER B 160 -14.88 -14.07 -9.62
CA SER B 160 -15.41 -12.93 -10.37
C SER B 160 -14.31 -12.38 -11.27
N LEU B 161 -14.50 -11.15 -11.75
CA LEU B 161 -13.63 -10.53 -12.75
C LEU B 161 -12.96 -9.28 -12.20
N GLN B 162 -11.72 -9.06 -12.62
CA GLN B 162 -10.94 -7.88 -12.26
C GLN B 162 -10.19 -7.40 -13.49
N LEU B 163 -10.16 -6.08 -13.68
CA LEU B 163 -9.35 -5.42 -14.72
C LEU B 163 -8.26 -4.61 -14.03
N ILE B 164 -7.04 -4.66 -14.59
CA ILE B 164 -5.93 -3.84 -14.11
C ILE B 164 -5.35 -3.11 -15.32
N PHE B 165 -5.27 -1.78 -15.21
CA PHE B 165 -4.55 -0.97 -16.18
C PHE B 165 -3.30 -0.45 -15.47
N PHE B 166 -2.14 -0.99 -15.83
CA PHE B 166 -0.89 -0.62 -15.16
C PHE B 166 -0.38 0.71 -15.69
N ASP B 167 0.17 1.53 -14.79
CA ASP B 167 0.92 2.72 -15.18
C ASP B 167 2.40 2.34 -15.29
N GLY B 168 3.16 3.14 -16.04
CA GLY B 168 4.61 3.00 -16.03
C GLY B 168 5.16 1.66 -16.46
N GLU B 169 4.50 0.96 -17.38
CA GLU B 169 5.14 -0.25 -17.90
C GLU B 169 6.43 0.07 -18.65
N GLU B 170 6.44 1.15 -19.40
CA GLU B 170 7.58 1.46 -20.25
C GLU B 170 8.70 2.13 -19.45
N ALA B 171 9.93 1.89 -19.90
CA ALA B 171 11.09 2.62 -19.40
C ALA B 171 10.92 4.11 -19.66
N PHE B 172 11.36 4.91 -18.71
CA PHE B 172 11.28 6.36 -18.87
C PHE B 172 12.42 6.87 -19.74
N LEU B 173 13.61 6.29 -19.59
CA LEU B 173 14.82 6.65 -20.30
C LEU B 173 15.41 5.48 -21.08
N HIS B 174 15.56 4.32 -20.45
CA HIS B 174 16.20 3.19 -21.10
C HIS B 174 15.86 1.92 -20.34
N TRP B 175 15.39 0.90 -21.05
CA TRP B 175 14.92 -0.33 -20.41
C TRP B 175 15.97 -0.92 -19.49
N SER B 176 15.60 -1.16 -18.22
CA SER B 176 16.57 -1.71 -17.27
C SER B 176 15.84 -2.12 -15.99
N PRO B 177 16.48 -2.87 -15.07
CA PRO B 177 15.72 -3.41 -13.93
C PRO B 177 15.06 -2.35 -13.07
N GLN B 178 15.68 -1.18 -12.94
CA GLN B 178 15.10 -0.09 -12.16
C GLN B 178 14.40 0.95 -13.03
N ASP B 179 14.39 0.80 -14.35
CA ASP B 179 13.65 1.72 -15.21
C ASP B 179 12.74 0.89 -16.12
N SER B 180 11.67 0.34 -15.53
CA SER B 180 10.72 -0.50 -16.27
C SER B 180 9.70 -1.06 -15.29
N LEU B 181 8.50 -1.34 -15.80
CA LEU B 181 7.52 -2.11 -15.03
C LEU B 181 7.23 -1.42 -13.69
N TYR B 182 7.12 -0.10 -13.69
CA TYR B 182 6.96 0.57 -12.40
C TYR B 182 5.66 0.15 -11.71
N GLY B 183 4.55 0.18 -12.45
CA GLY B 183 3.26 -0.08 -11.83
C GLY B 183 3.07 -1.53 -11.44
N SER B 184 3.50 -2.46 -12.30
CA SER B 184 3.26 -3.87 -12.02
C SER B 184 4.19 -4.40 -10.92
N ARG B 185 5.44 -3.92 -10.84
CA ARG B 185 6.28 -4.28 -9.70
C ARG B 185 5.67 -3.78 -8.39
N HIS B 186 5.19 -2.54 -8.40
CA HIS B 186 4.55 -2.00 -7.21
C HIS B 186 3.31 -2.80 -6.84
N LEU B 187 2.42 -3.05 -7.81
CA LEU B 187 1.14 -3.68 -7.49
C LEU B 187 1.30 -5.16 -7.11
N ALA B 188 2.19 -5.90 -7.78
CA ALA B 188 2.42 -7.29 -7.38
C ALA B 188 2.90 -7.37 -5.93
N ALA B 189 3.87 -6.53 -5.54
CA ALA B 189 4.35 -6.54 -4.16
C ALA B 189 3.21 -6.18 -3.18
N LYS B 190 2.39 -5.20 -3.56
CA LYS B 190 1.25 -4.83 -2.71
C LYS B 190 0.27 -6.00 -2.55
N MET B 191 -0.15 -6.59 -3.67
CA MET B 191 -1.14 -7.67 -3.59
C MET B 191 -0.59 -8.90 -2.89
N ALA B 192 0.73 -9.15 -3.01
CA ALA B 192 1.32 -10.28 -2.30
C ALA B 192 1.33 -10.08 -0.79
N SER B 193 1.25 -8.83 -0.32
CA SER B 193 1.30 -8.56 1.12
C SER B 193 -0.03 -8.01 1.67
N THR B 194 -1.12 -8.17 0.92
CA THR B 194 -2.45 -7.73 1.37
C THR B 194 -3.27 -8.97 1.72
N PRO B 195 -3.67 -9.20 2.98
CA PRO B 195 -4.51 -10.35 3.30
C PRO B 195 -5.77 -10.32 2.46
N HIS B 196 -6.23 -11.52 2.06
CA HIS B 196 -7.40 -11.69 1.20
C HIS B 196 -8.05 -13.05 1.50
N PRO B 197 -9.37 -13.10 1.67
CA PRO B 197 -10.27 -11.94 1.74
C PRO B 197 -10.05 -11.09 3.01
N PRO B 198 -10.69 -9.92 3.11
CA PRO B 198 -10.47 -9.08 4.29
C PRO B 198 -10.60 -9.87 5.58
N GLY B 199 -9.63 -9.70 6.48
CA GLY B 199 -9.59 -10.43 7.72
C GLY B 199 -8.86 -11.75 7.66
N ALA B 200 -8.42 -12.19 6.48
CA ALA B 200 -7.69 -13.46 6.40
C ALA B 200 -6.37 -13.37 7.14
N ARG B 201 -5.93 -14.52 7.65
CA ARG B 201 -4.69 -14.56 8.43
C ARG B 201 -3.47 -14.98 7.63
N GLY B 202 -3.65 -15.81 6.60
CA GLY B 202 -2.48 -16.38 5.96
C GLY B 202 -2.49 -16.44 4.45
N THR B 203 -3.41 -15.72 3.82
CA THR B 203 -3.60 -15.76 2.38
C THR B 203 -3.70 -14.34 1.85
N SER B 204 -3.22 -14.15 0.62
CA SER B 204 -3.00 -12.84 0.02
C SER B 204 -3.90 -12.65 -1.18
N GLN B 205 -4.03 -11.38 -1.60
CA GLN B 205 -4.73 -11.08 -2.84
C GLN B 205 -4.09 -11.81 -4.02
N LEU B 206 -2.77 -11.94 -4.01
CA LEU B 206 -2.14 -12.63 -5.12
C LEU B 206 -2.58 -14.08 -5.20
N HIS B 207 -2.87 -14.71 -4.05
CA HIS B 207 -3.34 -16.10 -4.07
C HIS B 207 -4.70 -16.22 -4.76
N GLY B 208 -5.49 -15.15 -4.79
CA GLY B 208 -6.77 -15.28 -5.44
C GLY B 208 -6.77 -15.03 -6.94
N MET B 209 -5.63 -14.67 -7.53
CA MET B 209 -5.55 -14.42 -8.97
C MET B 209 -5.47 -15.76 -9.67
N ASP B 210 -6.62 -16.24 -10.17
CA ASP B 210 -6.67 -17.52 -10.89
C ASP B 210 -5.70 -17.51 -12.07
N LEU B 211 -5.68 -16.41 -12.82
CA LEU B 211 -5.05 -16.36 -14.12
C LEU B 211 -4.94 -14.88 -14.46
N LEU B 212 -3.75 -14.45 -14.87
CA LEU B 212 -3.52 -13.09 -15.34
C LEU B 212 -3.43 -13.12 -16.87
N VAL B 213 -4.41 -12.56 -17.56
CA VAL B 213 -4.42 -12.48 -19.02
C VAL B 213 -3.92 -11.09 -19.38
N LEU B 214 -2.69 -11.00 -19.89
CA LEU B 214 -2.05 -9.70 -20.15
C LEU B 214 -2.08 -9.44 -21.64
N LEU B 215 -2.74 -8.36 -22.04
N LEU B 215 -2.77 -8.37 -22.04
CA LEU B 215 -2.82 -7.94 -23.44
CA LEU B 215 -2.82 -7.91 -23.41
C LEU B 215 -1.78 -6.84 -23.66
C LEU B 215 -1.74 -6.86 -23.62
N ASP B 216 -0.94 -7.02 -24.69
CA ASP B 216 0.11 -6.04 -24.99
C ASP B 216 0.41 -6.09 -26.48
N LEU B 217 0.58 -4.92 -27.09
CA LEU B 217 0.99 -4.82 -28.51
C LEU B 217 -0.03 -5.46 -29.46
N ILE B 218 -1.32 -5.24 -29.21
CA ILE B 218 -2.41 -5.78 -30.05
C ILE B 218 -2.99 -4.69 -30.94
N GLY B 219 -3.28 -5.05 -32.20
CA GLY B 219 -3.98 -4.16 -33.11
C GLY B 219 -3.43 -4.17 -34.53
N ALA B 220 -2.22 -4.69 -34.71
CA ALA B 220 -1.63 -4.82 -36.04
C ALA B 220 -2.28 -6.01 -36.78
N PRO B 221 -2.23 -6.03 -38.12
CA PRO B 221 -2.79 -7.17 -38.84
C PRO B 221 -1.94 -8.43 -38.66
N ASN B 222 -2.60 -9.59 -38.81
CA ASN B 222 -1.94 -10.89 -38.82
C ASN B 222 -1.04 -11.19 -37.61
N PRO B 223 -1.48 -10.92 -36.38
CA PRO B 223 -0.68 -11.31 -35.23
C PRO B 223 -0.60 -12.83 -35.09
N THR B 224 0.47 -13.30 -34.47
N THR B 224 0.48 -13.28 -34.47
CA THR B 224 0.59 -14.71 -34.08
CA THR B 224 0.64 -14.67 -34.07
C THR B 224 1.01 -14.75 -32.63
C THR B 224 1.00 -14.68 -32.60
N PHE B 225 0.14 -15.30 -31.77
CA PHE B 225 0.39 -15.38 -30.33
C PHE B 225 0.93 -16.76 -30.00
N PRO B 226 2.12 -16.87 -29.40
CA PRO B 226 2.64 -18.19 -29.03
C PRO B 226 2.04 -18.66 -27.72
N ASN B 227 2.13 -19.97 -27.49
CA ASN B 227 1.72 -20.56 -26.22
C ASN B 227 2.91 -20.55 -25.27
N PHE B 228 3.08 -19.45 -24.51
CA PHE B 228 4.34 -19.20 -23.80
C PHE B 228 4.58 -20.21 -22.68
N PHE B 229 3.54 -20.57 -21.90
CA PHE B 229 3.77 -21.24 -20.63
C PHE B 229 3.07 -22.60 -20.56
N PRO B 230 3.82 -23.67 -20.25
CA PRO B 230 3.20 -25.01 -20.18
C PRO B 230 2.15 -25.17 -19.10
N ASN B 231 2.23 -24.42 -18.00
CA ASN B 231 1.24 -24.59 -16.94
C ASN B 231 -0.11 -24.03 -17.34
N SER B 232 -0.15 -22.94 -18.12
CA SER B 232 -1.39 -22.33 -18.55
C SER B 232 -1.81 -22.79 -19.94
N ALA B 233 -1.16 -23.83 -20.48
CA ALA B 233 -1.38 -24.25 -21.85
C ALA B 233 -2.85 -24.63 -22.08
N ARG B 234 -3.49 -25.26 -21.11
CA ARG B 234 -4.88 -25.68 -21.32
C ARG B 234 -5.79 -24.48 -21.58
N TRP B 235 -5.46 -23.30 -21.03
CA TRP B 235 -6.27 -22.11 -21.27
C TRP B 235 -5.94 -21.45 -22.61
N PHE B 236 -4.68 -21.54 -23.04
CA PHE B 236 -4.33 -21.15 -24.41
C PHE B 236 -5.10 -22.00 -25.41
N GLU B 237 -5.16 -23.31 -25.17
CA GLU B 237 -5.90 -24.19 -26.07
C GLU B 237 -7.36 -23.80 -26.14
N ARG B 238 -7.93 -23.24 -25.06
CA ARG B 238 -9.31 -22.77 -25.15
C ARG B 238 -9.43 -21.60 -26.11
N LEU B 239 -8.47 -20.67 -26.08
CA LEU B 239 -8.45 -19.59 -27.07
C LEU B 239 -8.41 -20.15 -28.49
N GLN B 240 -7.59 -21.18 -28.74
CA GLN B 240 -7.56 -21.81 -30.06
C GLN B 240 -8.93 -22.39 -30.43
N ALA B 241 -9.55 -23.14 -29.52
CA ALA B 241 -10.83 -23.76 -29.82
C ALA B 241 -11.89 -22.71 -30.14
N ILE B 242 -11.89 -21.61 -29.39
CA ILE B 242 -12.88 -20.54 -29.60
C ILE B 242 -12.65 -19.87 -30.95
N GLU B 243 -11.40 -19.51 -31.26
CA GLU B 243 -11.07 -18.96 -32.57
C GLU B 243 -11.50 -19.90 -33.68
N HIS B 244 -11.27 -21.20 -33.50
CA HIS B 244 -11.64 -22.16 -34.52
C HIS B 244 -13.16 -22.23 -34.70
N GLU B 245 -13.90 -22.32 -33.59
CA GLU B 245 -15.35 -22.47 -33.69
C GLU B 245 -16.01 -21.19 -34.21
N LEU B 246 -15.53 -20.02 -33.78
CA LEU B 246 -16.07 -18.77 -34.30
C LEU B 246 -15.83 -18.64 -35.79
N HIS B 247 -14.65 -19.05 -36.24
CA HIS B 247 -14.36 -19.02 -37.66
C HIS B 247 -15.30 -19.96 -38.41
N GLU B 248 -15.44 -21.20 -37.94
CA GLU B 248 -16.29 -22.16 -38.65
C GLU B 248 -17.76 -21.77 -38.62
N LEU B 249 -18.19 -20.96 -37.65
CA LEU B 249 -19.56 -20.50 -37.66
C LEU B 249 -19.78 -19.26 -38.52
N GLY B 250 -18.74 -18.79 -39.22
CA GLY B 250 -18.85 -17.57 -40.00
C GLY B 250 -18.95 -16.29 -39.17
N LEU B 251 -18.45 -16.29 -37.95
CA LEU B 251 -18.60 -15.17 -37.02
C LEU B 251 -17.37 -14.27 -36.93
N LEU B 252 -16.30 -14.60 -37.64
CA LEU B 252 -15.11 -13.75 -37.76
C LEU B 252 -15.06 -13.12 -39.15
N LYS B 253 -14.23 -12.09 -39.29
CA LYS B 253 -14.14 -11.32 -40.53
C LYS B 253 -12.71 -11.29 -41.04
N ASP B 254 -12.55 -11.44 -42.36
CA ASP B 254 -11.24 -11.43 -43.01
C ASP B 254 -10.28 -12.40 -42.32
N HIS B 255 -10.77 -13.60 -42.03
CA HIS B 255 -10.08 -14.52 -41.13
C HIS B 255 -9.91 -15.88 -41.80
N SER B 256 -8.70 -16.44 -41.68
CA SER B 256 -8.42 -17.75 -42.24
C SER B 256 -7.75 -18.63 -41.19
N LEU B 257 -8.11 -19.92 -41.21
CA LEU B 257 -7.50 -20.85 -40.28
C LEU B 257 -6.00 -21.00 -40.54
N GLU B 258 -5.57 -20.91 -41.79
CA GLU B 258 -4.14 -20.92 -42.06
C GLU B 258 -3.45 -19.73 -41.41
N GLY B 259 -4.11 -18.57 -41.37
CA GLY B 259 -3.56 -17.44 -40.66
C GLY B 259 -4.18 -17.23 -39.29
N ARG B 260 -4.42 -18.31 -38.56
N ARG B 260 -4.39 -18.32 -38.55
CA ARG B 260 -5.02 -18.17 -37.24
CA ARG B 260 -4.98 -18.21 -37.22
C ARG B 260 -4.07 -17.45 -36.29
C ARG B 260 -4.05 -17.47 -36.26
N TYR B 261 -4.65 -16.79 -35.28
CA TYR B 261 -3.88 -15.98 -34.35
C TYR B 261 -3.17 -16.85 -33.31
N PHE B 262 -3.85 -17.87 -32.80
CA PHE B 262 -3.36 -18.63 -31.67
C PHE B 262 -2.77 -19.92 -32.21
N GLN B 263 -1.44 -19.97 -32.26
CA GLN B 263 -0.72 -21.12 -32.77
C GLN B 263 0.17 -21.63 -31.65
N ASN B 264 0.13 -22.94 -31.40
N ASN B 264 0.13 -22.95 -31.46
CA ASN B 264 0.88 -23.47 -30.25
CA ASN B 264 0.65 -23.70 -30.32
C ASN B 264 2.36 -23.07 -30.33
C ASN B 264 2.15 -23.92 -30.38
N TYR B 265 3.02 -23.42 -31.42
N TYR B 265 2.84 -23.40 -31.40
CA TYR B 265 4.41 -23.04 -31.65
CA TYR B 265 4.25 -23.73 -31.59
C TYR B 265 4.44 -21.90 -32.68
C TYR B 265 5.09 -23.36 -30.37
N SER B 266 4.92 -20.73 -32.25
N SER B 266 4.63 -22.39 -29.57
CA SER B 266 5.01 -19.57 -33.13
CA SER B 266 5.30 -22.00 -28.33
C SER B 266 5.94 -18.52 -32.54
C SER B 266 6.71 -21.46 -28.58
N TYR B 267 7.22 -18.88 -32.42
N TYR B 267 7.69 -22.20 -28.07
CA TYR B 267 8.34 -18.06 -31.91
CA TYR B 267 9.00 -21.60 -27.79
C TYR B 267 8.47 -18.19 -30.40
C TYR B 267 8.73 -20.36 -26.95
N GLY B 268 7.93 -17.22 -29.66
N GLY B 268 9.40 -19.26 -27.27
CA GLY B 268 7.84 -17.30 -28.22
CA GLY B 268 9.06 -17.99 -26.67
C GLY B 268 9.15 -17.38 -27.44
C GLY B 268 9.18 -16.84 -27.65
N GLY B 269 9.95 -16.32 -27.50
N GLY B 269 10.28 -16.10 -27.56
CA GLY B 269 11.26 -16.35 -26.87
CA GLY B 269 11.33 -16.44 -26.64
C GLY B 269 11.44 -15.43 -25.67
C GLY B 269 11.50 -15.47 -25.49
N VAL B 270 10.66 -15.65 -24.61
N VAL B 270 10.71 -15.68 -24.42
CA VAL B 270 10.84 -15.05 -23.28
CA VAL B 270 10.90 -15.05 -23.12
C VAL B 270 10.83 -13.52 -23.32
C VAL B 270 10.89 -13.51 -23.19
N ILE B 271 9.75 -12.92 -22.83
CA ILE B 271 9.53 -11.48 -22.95
C ILE B 271 9.38 -10.87 -21.55
N GLN B 272 10.05 -9.74 -21.30
CA GLN B 272 9.84 -8.99 -20.05
C GLN B 272 8.69 -8.03 -20.24
N ASP B 273 7.70 -8.08 -19.34
CA ASP B 273 6.46 -7.30 -19.44
C ASP B 273 5.80 -7.25 -18.06
N ASP B 274 4.63 -6.60 -17.97
CA ASP B 274 3.93 -6.43 -16.68
C ASP B 274 3.59 -7.75 -15.98
N HIS B 275 3.54 -8.88 -16.70
CA HIS B 275 3.26 -10.14 -16.03
C HIS B 275 4.43 -10.62 -15.16
N ILE B 276 5.66 -10.14 -15.41
CA ILE B 276 6.84 -10.74 -14.76
C ILE B 276 6.76 -10.68 -13.23
N PRO B 277 6.44 -9.54 -12.60
CA PRO B 277 6.37 -9.54 -11.12
C PRO B 277 5.30 -10.46 -10.57
N PHE B 278 4.26 -10.77 -11.35
CA PHE B 278 3.23 -11.72 -10.92
C PHE B 278 3.64 -13.16 -11.19
N LEU B 279 4.20 -13.41 -12.38
CA LEU B 279 4.69 -14.73 -12.75
C LEU B 279 5.76 -15.21 -11.78
N ARG B 280 6.72 -14.35 -11.46
CA ARG B 280 7.75 -14.69 -10.50
C ARG B 280 7.16 -15.02 -9.12
N ARG B 281 5.94 -14.55 -8.83
CA ARG B 281 5.28 -14.90 -7.57
C ARG B 281 4.20 -15.97 -7.74
N GLY B 282 4.28 -16.77 -8.80
CA GLY B 282 3.42 -17.93 -8.93
C GLY B 282 2.06 -17.69 -9.53
N VAL B 283 1.80 -16.51 -10.09
CA VAL B 283 0.48 -16.28 -10.68
C VAL B 283 0.45 -16.88 -12.08
N PRO B 284 -0.48 -17.79 -12.40
CA PRO B 284 -0.55 -18.30 -13.77
C PRO B 284 -0.82 -17.16 -14.75
N VAL B 285 -0.17 -17.20 -15.91
CA VAL B 285 -0.25 -16.12 -16.88
C VAL B 285 -0.61 -16.67 -18.25
N LEU B 286 -1.50 -15.95 -18.95
CA LEU B 286 -1.67 -16.04 -20.39
C LEU B 286 -1.18 -14.71 -20.94
N HIS B 287 -0.09 -14.73 -21.69
CA HIS B 287 0.56 -13.49 -22.14
C HIS B 287 0.16 -13.29 -23.60
N LEU B 288 -0.84 -12.44 -23.83
CA LEU B 288 -1.37 -12.20 -25.16
C LEU B 288 -0.56 -11.05 -25.76
N ILE B 289 0.65 -11.38 -26.17
CA ILE B 289 1.54 -10.46 -26.88
C ILE B 289 1.97 -11.17 -28.16
N PRO B 290 1.94 -10.53 -29.32
CA PRO B 290 2.36 -11.23 -30.53
C PRO B 290 3.87 -11.40 -30.54
N SER B 291 4.29 -12.43 -31.26
CA SER B 291 5.69 -12.64 -31.57
C SER B 291 5.78 -13.06 -33.03
N PRO B 292 6.47 -12.30 -33.89
CA PRO B 292 7.29 -11.15 -33.52
C PRO B 292 6.43 -9.94 -33.15
N PHE B 293 7.06 -8.90 -32.59
CA PHE B 293 6.37 -7.64 -32.27
C PHE B 293 5.84 -7.00 -33.55
N PRO B 294 4.80 -6.16 -33.45
CA PRO B 294 4.33 -5.43 -34.64
C PRO B 294 5.49 -4.70 -35.32
N GLU B 295 5.41 -4.57 -36.65
CA GLU B 295 6.43 -3.83 -37.39
C GLU B 295 6.57 -2.41 -36.86
N VAL B 296 5.48 -1.80 -36.39
CA VAL B 296 5.52 -0.42 -35.95
C VAL B 296 6.07 -0.26 -34.52
N TRP B 297 6.47 -1.34 -33.86
CA TRP B 297 6.81 -1.32 -32.44
C TRP B 297 7.77 -0.20 -32.07
N HIS B 298 7.36 0.63 -31.11
CA HIS B 298 8.20 1.70 -30.56
C HIS B 298 8.73 2.64 -31.63
N THR B 299 7.87 2.91 -32.63
CA THR B 299 8.09 3.96 -33.61
C THR B 299 6.86 4.86 -33.62
N MET B 300 7.03 6.07 -34.21
CA MET B 300 5.89 6.97 -34.36
C MET B 300 4.79 6.42 -35.27
N ASP B 301 5.07 5.36 -36.05
CA ASP B 301 4.04 4.77 -36.89
C ASP B 301 3.12 3.81 -36.12
N ASP B 302 3.31 3.65 -34.80
CA ASP B 302 2.34 2.89 -34.00
C ASP B 302 1.19 3.83 -33.68
N ASN B 303 0.34 4.00 -34.67
CA ASN B 303 -0.70 5.02 -34.69
C ASN B 303 -2.01 4.37 -35.12
N GLU B 304 -3.06 5.19 -35.17
CA GLU B 304 -4.39 4.67 -35.48
C GLU B 304 -4.47 4.13 -36.90
N GLU B 305 -3.79 4.79 -37.85
CA GLU B 305 -4.00 4.39 -39.23
C GLU B 305 -3.38 3.02 -39.52
N ASN B 306 -2.42 2.57 -38.73
CA ASN B 306 -1.83 1.25 -38.94
C ASN B 306 -2.53 0.13 -38.16
N LEU B 307 -3.61 0.44 -37.43
CA LEU B 307 -4.42 -0.60 -36.79
C LEU B 307 -5.28 -1.33 -37.83
N ASP B 308 -5.67 -2.56 -37.49
CA ASP B 308 -6.52 -3.36 -38.37
C ASP B 308 -7.83 -3.67 -37.64
N GLU B 309 -8.93 -3.12 -38.16
CA GLU B 309 -10.22 -3.17 -37.48
C GLU B 309 -10.72 -4.61 -37.33
N SER B 310 -10.69 -5.39 -38.41
CA SER B 310 -11.19 -6.76 -38.39
C SER B 310 -10.42 -7.61 -37.38
N THR B 311 -9.09 -7.48 -37.36
CA THR B 311 -8.27 -8.19 -36.37
C THR B 311 -8.74 -7.91 -34.95
N ILE B 312 -8.90 -6.63 -34.60
CA ILE B 312 -9.30 -6.29 -33.23
C ILE B 312 -10.72 -6.77 -32.94
N ASP B 313 -11.63 -6.57 -33.90
CA ASP B 313 -12.98 -7.11 -33.78
C ASP B 313 -12.96 -8.62 -33.54
N ASN B 314 -12.14 -9.35 -34.32
CA ASN B 314 -12.08 -10.80 -34.13
C ASN B 314 -11.58 -11.16 -32.73
N LEU B 315 -10.57 -10.42 -32.25
CA LEU B 315 -10.00 -10.71 -30.94
C LEU B 315 -10.94 -10.32 -29.80
N ASN B 316 -11.73 -9.26 -29.97
CA ASN B 316 -12.78 -8.94 -29.01
C ASN B 316 -13.73 -10.11 -28.85
N LYS B 317 -14.19 -10.68 -29.96
CA LYS B 317 -15.15 -11.79 -29.88
C LYS B 317 -14.54 -12.99 -29.16
N ILE B 318 -13.29 -13.34 -29.50
CA ILE B 318 -12.65 -14.50 -28.89
C ILE B 318 -12.47 -14.28 -27.39
N LEU B 319 -12.05 -13.09 -27.00
CA LEU B 319 -11.75 -12.81 -25.61
C LEU B 319 -13.01 -12.75 -24.76
N GLN B 320 -14.07 -12.13 -25.30
CA GLN B 320 -15.33 -12.10 -24.58
C GLN B 320 -15.87 -13.51 -24.35
N VAL B 321 -15.81 -14.37 -25.37
CA VAL B 321 -16.23 -15.76 -25.18
C VAL B 321 -15.38 -16.44 -24.11
N PHE B 322 -14.04 -16.29 -24.21
CA PHE B 322 -13.15 -16.88 -23.22
C PHE B 322 -13.53 -16.46 -21.79
N VAL B 323 -13.79 -15.17 -21.60
CA VAL B 323 -14.12 -14.66 -20.26
C VAL B 323 -15.46 -15.22 -19.78
N LEU B 324 -16.49 -15.25 -20.65
CA LEU B 324 -17.77 -15.81 -20.23
C LEU B 324 -17.65 -17.28 -19.87
N GLU B 325 -16.86 -18.04 -20.64
CA GLU B 325 -16.70 -19.46 -20.34
C GLU B 325 -15.92 -19.67 -19.05
N TYR B 326 -14.89 -18.84 -18.82
CA TYR B 326 -14.14 -18.95 -17.57
C TYR B 326 -15.04 -18.70 -16.36
N LEU B 327 -15.89 -17.67 -16.41
CA LEU B 327 -16.71 -17.28 -15.28
C LEU B 327 -18.01 -18.05 -15.17
N HIS B 328 -18.30 -18.92 -16.15
CA HIS B 328 -19.55 -19.68 -16.22
C HIS B 328 -20.75 -18.73 -16.36
N LEU B 329 -20.65 -17.78 -17.29
CA LEU B 329 -21.75 -16.86 -17.55
C LEU B 329 -22.31 -17.03 -18.96
N PHE C 2 16.87 -4.67 20.38
CA PHE C 2 18.10 -5.34 20.79
C PHE C 2 19.22 -4.31 20.73
N ALA C 3 20.30 -4.60 21.46
CA ALA C 3 21.48 -3.72 21.51
C ALA C 3 22.71 -4.56 21.89
N PHE D 2 10.39 19.47 45.05
CA PHE D 2 11.84 19.66 44.97
C PHE D 2 12.55 18.44 45.56
N ALA D 3 13.86 18.40 45.37
CA ALA D 3 14.63 17.23 45.72
C ALA D 3 15.35 17.40 47.08
N PHE E 2 10.52 -5.93 -23.46
CA PHE E 2 11.89 -6.18 -23.91
C PHE E 2 12.15 -7.67 -23.85
N ALA E 3 13.16 -8.10 -24.58
N ALA E 3 13.23 -8.11 -24.50
CA ALA E 3 13.55 -9.49 -24.53
CA ALA E 3 13.70 -9.49 -24.34
C ALA E 3 15.06 -9.66 -24.70
C ALA E 3 14.06 -9.83 -22.86
#